data_1XED
#
_entry.id   1XED
#
_cell.length_a   41.996
_cell.length_b   157.195
_cell.length_c   53.860
_cell.angle_alpha   90.00
_cell.angle_beta   112.94
_cell.angle_gamma   90.00
#
_symmetry.space_group_name_H-M   'P 1 21 1'
#
loop_
_entity.id
_entity.type
_entity.pdbx_description
1 polymer 'Polymeric-immunoglobulin receptor'
2 non-polymer 'MAGNESIUM ION'
3 water water
#
_entity_poly.entity_id   1
_entity_poly.type   'polypeptide(L)'
_entity_poly.pdbx_seq_one_letter_code
;KSPIFGPEEVNSVEGNSVSITCYYPPTSVNRHTRKYWCRQGARGGCITLISSEGYVSSKYAGRANLTNFPENGTFVVNIA
QLSQDDSGRYKCGLGINSRGLSFDVSLEVLEHHHHHH
;
_entity_poly.pdbx_strand_id   A,B,C,D,E,F
#
loop_
_chem_comp.id
_chem_comp.type
_chem_comp.name
_chem_comp.formula
MG non-polymer 'MAGNESIUM ION' 'Mg 2'
#
# COMPACT_ATOMS: atom_id res chain seq x y z
N SER A 2 11.61 8.89 -19.04
CA SER A 2 11.03 8.51 -17.72
C SER A 2 9.89 9.46 -17.36
N PRO A 3 8.87 9.57 -18.24
CA PRO A 3 7.72 10.44 -18.02
C PRO A 3 6.95 10.10 -16.74
N ILE A 4 6.79 8.81 -16.50
CA ILE A 4 6.08 8.34 -15.31
C ILE A 4 7.07 8.18 -14.16
N PHE A 5 6.60 8.46 -12.94
CA PHE A 5 7.45 8.36 -11.75
C PHE A 5 6.77 7.61 -10.63
N GLY A 6 7.57 6.86 -9.88
CA GLY A 6 7.03 6.11 -8.76
C GLY A 6 8.15 5.66 -7.85
N PRO A 7 7.90 4.67 -6.97
CA PRO A 7 8.88 4.15 -6.03
C PRO A 7 9.75 3.10 -6.72
N GLU A 8 11.02 3.42 -6.95
CA GLU A 8 11.92 2.48 -7.59
C GLU A 8 11.99 1.18 -6.80
N GLU A 9 11.95 1.29 -5.48
CA GLU A 9 12.00 0.11 -4.61
C GLU A 9 11.06 0.28 -3.44
N VAL A 10 10.37 -0.78 -3.08
CA VAL A 10 9.43 -0.76 -1.95
C VAL A 10 9.69 -2.01 -1.10
N ASN A 11 9.92 -1.80 0.18
CA ASN A 11 10.18 -2.90 1.10
C ASN A 11 9.07 -2.97 2.13
N SER A 12 8.67 -4.19 2.49
CA SER A 12 7.60 -4.38 3.44
C SER A 12 7.89 -5.64 4.22
N VAL A 13 7.04 -5.95 5.19
CA VAL A 13 7.24 -7.15 5.98
C VAL A 13 6.06 -8.07 5.72
N GLU A 14 6.29 -9.39 5.73
CA GLU A 14 5.24 -10.37 5.49
C GLU A 14 4.09 -10.14 6.46
N GLY A 15 2.89 -9.96 5.91
CA GLY A 15 1.73 -9.71 6.74
C GLY A 15 1.22 -8.28 6.62
N ASN A 16 2.11 -7.35 6.26
CA ASN A 16 1.73 -5.94 6.11
C ASN A 16 0.86 -5.67 4.89
N SER A 17 0.51 -4.41 4.73
CA SER A 17 -0.24 -3.91 3.59
C SER A 17 0.70 -2.84 3.04
N VAL A 18 0.71 -2.68 1.72
CA VAL A 18 1.57 -1.71 1.10
C VAL A 18 0.81 -0.93 0.03
N SER A 19 1.19 0.33 -0.14
CA SER A 19 0.57 1.19 -1.14
C SER A 19 1.69 1.67 -2.03
N ILE A 20 1.39 1.76 -3.32
CA ILE A 20 2.37 2.19 -4.31
C ILE A 20 1.72 3.28 -5.14
N THR A 21 2.34 4.46 -5.15
CA THR A 21 1.81 5.59 -5.89
C THR A 21 2.65 5.94 -7.10
N CYS A 22 2.01 5.95 -8.28
CA CYS A 22 2.71 6.30 -9.51
C CYS A 22 2.15 7.59 -10.09
N TYR A 23 3.05 8.43 -10.57
CA TYR A 23 2.69 9.73 -11.15
C TYR A 23 2.83 9.75 -12.65
N TYR A 24 1.92 10.47 -13.30
CA TYR A 24 1.93 10.59 -14.75
C TYR A 24 1.50 12.00 -15.12
N PRO A 25 1.91 12.48 -16.30
CA PRO A 25 1.54 13.83 -16.73
C PRO A 25 0.02 13.98 -16.64
N PRO A 26 -0.47 15.00 -15.91
CA PRO A 26 -1.92 15.16 -15.80
C PRO A 26 -2.61 15.72 -17.06
N THR A 27 -2.38 15.09 -18.20
CA THR A 27 -3.02 15.51 -19.45
C THR A 27 -4.14 14.54 -19.76
N SER A 28 -5.16 15.04 -20.44
CA SER A 28 -6.35 14.27 -20.80
C SER A 28 -6.10 12.82 -21.18
N VAL A 29 -5.37 12.60 -22.28
CA VAL A 29 -5.06 11.25 -22.74
C VAL A 29 -4.61 10.37 -21.58
N ASN A 30 -3.60 10.84 -20.84
CA ASN A 30 -3.06 10.12 -19.72
C ASN A 30 -4.17 9.87 -18.71
N ARG A 31 -4.85 10.95 -18.34
CA ARG A 31 -5.91 10.90 -17.35
C ARG A 31 -7.01 9.88 -17.59
N HIS A 32 -7.32 9.60 -18.84
CA HIS A 32 -8.40 8.66 -19.12
C HIS A 32 -7.97 7.31 -19.65
N THR A 33 -6.69 7.18 -20.00
CA THR A 33 -6.17 5.92 -20.52
C THR A 33 -6.00 4.89 -19.39
N ARG A 34 -6.11 3.60 -19.73
CA ARG A 34 -5.98 2.51 -18.76
C ARG A 34 -4.73 2.57 -17.89
N LYS A 35 -4.90 2.37 -16.58
CA LYS A 35 -3.79 2.36 -15.62
C LYS A 35 -3.61 0.92 -15.24
N TYR A 36 -2.37 0.46 -15.14
CA TYR A 36 -2.15 -0.94 -14.79
C TYR A 36 -0.96 -1.19 -13.86
N TRP A 37 -1.00 -2.35 -13.22
CA TRP A 37 0.04 -2.80 -12.30
C TRP A 37 0.29 -4.25 -12.70
N CYS A 38 1.49 -4.54 -13.17
CA CYS A 38 1.82 -5.89 -13.61
C CYS A 38 3.13 -6.41 -13.02
N ARG A 39 3.28 -7.72 -13.05
CA ARG A 39 4.47 -8.39 -12.55
C ARG A 39 5.33 -8.81 -13.73
N GLN A 40 6.60 -8.40 -13.71
CA GLN A 40 7.55 -8.70 -14.79
C GLN A 40 7.86 -10.19 -14.93
N CYS A 46 5.34 -9.01 -18.77
CA CYS A 46 4.68 -8.42 -17.61
C CYS A 46 3.20 -8.76 -17.61
N ILE A 47 2.77 -9.49 -16.59
CA ILE A 47 1.39 -9.93 -16.45
C ILE A 47 0.52 -9.01 -15.57
N THR A 48 -0.58 -8.54 -16.13
CA THR A 48 -1.49 -7.65 -15.41
C THR A 48 -2.04 -8.28 -14.14
N LEU A 49 -1.91 -7.58 -13.02
CA LEU A 49 -2.45 -8.06 -11.76
C LEU A 49 -3.73 -7.31 -11.44
N ILE A 50 -3.78 -6.04 -11.82
CA ILE A 50 -4.95 -5.20 -11.62
C ILE A 50 -4.87 -3.96 -12.50
N SER A 51 -6.02 -3.56 -13.06
CA SER A 51 -6.07 -2.38 -13.93
C SER A 51 -7.27 -1.50 -13.59
N SER A 52 -7.29 -0.28 -14.12
CA SER A 52 -8.38 0.65 -13.87
C SER A 52 -9.57 0.37 -14.77
N GLU A 53 -9.43 -0.61 -15.67
CA GLU A 53 -10.49 -0.96 -16.60
C GLU A 53 -11.32 -2.17 -16.20
N GLY A 54 -11.53 -2.34 -14.90
CA GLY A 54 -12.35 -3.44 -14.41
C GLY A 54 -11.75 -4.82 -14.32
N TYR A 55 -10.43 -4.92 -14.43
CA TYR A 55 -9.78 -6.22 -14.33
C TYR A 55 -9.04 -6.35 -13.01
N VAL A 56 -9.21 -7.50 -12.37
CA VAL A 56 -8.54 -7.79 -11.12
C VAL A 56 -8.21 -9.29 -11.16
N SER A 57 -6.92 -9.61 -11.16
CA SER A 57 -6.50 -11.01 -11.20
C SER A 57 -7.01 -11.75 -9.97
N SER A 58 -7.13 -13.07 -10.11
CA SER A 58 -7.61 -13.93 -9.03
C SER A 58 -6.70 -13.90 -7.79
N LYS A 59 -5.39 -13.74 -8.01
CA LYS A 59 -4.44 -13.67 -6.91
C LYS A 59 -4.67 -12.40 -6.09
N TYR A 60 -5.13 -11.36 -6.77
CA TYR A 60 -5.37 -10.07 -6.11
C TYR A 60 -6.80 -9.78 -5.71
N ALA A 61 -7.76 -10.44 -6.36
CA ALA A 61 -9.17 -10.20 -6.07
C ALA A 61 -9.43 -10.13 -4.57
N GLY A 62 -9.86 -8.96 -4.10
CA GLY A 62 -10.16 -8.79 -2.70
C GLY A 62 -8.99 -8.47 -1.78
N ARG A 63 -7.76 -8.68 -2.26
CA ARG A 63 -6.60 -8.39 -1.44
C ARG A 63 -5.83 -7.17 -1.95
N ALA A 64 -6.39 -6.47 -2.92
CA ALA A 64 -5.75 -5.28 -3.46
C ALA A 64 -6.73 -4.32 -4.11
N ASN A 65 -6.24 -3.13 -4.44
CA ASN A 65 -7.05 -2.11 -5.08
C ASN A 65 -6.15 -1.18 -5.92
N LEU A 66 -6.75 -0.55 -6.92
CA LEU A 66 -6.02 0.39 -7.77
C LEU A 66 -6.99 1.55 -7.96
N THR A 67 -6.55 2.74 -7.55
CA THR A 67 -7.38 3.94 -7.62
C THR A 67 -6.71 5.07 -8.40
N ASN A 68 -7.46 5.69 -9.31
CA ASN A 68 -6.91 6.78 -10.11
C ASN A 68 -7.36 8.15 -9.57
N PHE A 69 -6.43 9.10 -9.55
CA PHE A 69 -6.71 10.46 -9.10
C PHE A 69 -6.19 11.39 -10.21
N PRO A 70 -6.98 11.57 -11.28
CA PRO A 70 -6.66 12.42 -12.44
C PRO A 70 -6.17 13.83 -12.16
N GLU A 71 -6.84 14.55 -11.28
CA GLU A 71 -6.45 15.93 -10.95
C GLU A 71 -4.98 16.00 -10.56
N ASN A 72 -4.57 15.03 -9.74
CA ASN A 72 -3.21 14.90 -9.23
C ASN A 72 -2.25 14.27 -10.26
N GLY A 73 -2.79 13.50 -11.19
CA GLY A 73 -1.96 12.84 -12.16
C GLY A 73 -1.31 11.65 -11.47
N THR A 74 -2.08 10.96 -10.63
CA THR A 74 -1.58 9.79 -9.89
C THR A 74 -2.61 8.69 -9.73
N PHE A 75 -2.12 7.48 -9.47
CA PHE A 75 -2.97 6.35 -9.18
C PHE A 75 -2.25 5.53 -8.13
N VAL A 76 -3.02 4.94 -7.22
CA VAL A 76 -2.46 4.17 -6.12
C VAL A 76 -2.90 2.72 -6.11
N VAL A 77 -1.94 1.83 -5.91
CA VAL A 77 -2.21 0.41 -5.83
C VAL A 77 -2.02 0.03 -4.38
N ASN A 78 -3.07 -0.49 -3.77
CA ASN A 78 -2.99 -0.92 -2.38
C ASN A 78 -2.99 -2.44 -2.39
N ILE A 79 -2.03 -3.02 -1.69
CA ILE A 79 -1.90 -4.48 -1.63
C ILE A 79 -1.82 -4.92 -0.18
N ALA A 80 -2.68 -5.88 0.20
CA ALA A 80 -2.71 -6.38 1.56
C ALA A 80 -2.21 -7.80 1.72
N GLN A 81 -1.99 -8.17 2.99
CA GLN A 81 -1.52 -9.49 3.36
C GLN A 81 -0.37 -9.94 2.48
N LEU A 82 0.69 -9.14 2.44
CA LEU A 82 1.85 -9.46 1.62
C LEU A 82 2.49 -10.77 2.07
N SER A 83 2.78 -11.65 1.12
CA SER A 83 3.41 -12.93 1.40
C SER A 83 4.77 -13.02 0.71
N GLN A 84 5.45 -14.13 0.92
CA GLN A 84 6.76 -14.32 0.30
C GLN A 84 6.65 -14.36 -1.20
N ASP A 85 5.44 -14.66 -1.70
CA ASP A 85 5.21 -14.72 -3.14
C ASP A 85 5.20 -13.35 -3.77
N ASP A 86 5.01 -12.32 -2.96
CA ASP A 86 4.91 -10.99 -3.54
C ASP A 86 6.23 -10.29 -3.88
N SER A 87 7.34 -10.76 -3.31
CA SER A 87 8.64 -10.16 -3.60
C SER A 87 8.89 -10.34 -5.10
N GLY A 88 9.32 -9.26 -5.77
CA GLY A 88 9.57 -9.38 -7.20
C GLY A 88 9.63 -8.03 -7.91
N ARG A 89 9.61 -8.10 -9.24
CA ARG A 89 9.66 -6.89 -10.05
C ARG A 89 8.30 -6.64 -10.71
N TYR A 90 7.85 -5.40 -10.62
CA TYR A 90 6.58 -5.00 -11.17
C TYR A 90 6.71 -3.72 -12.00
N LYS A 91 5.61 -3.30 -12.60
CA LYS A 91 5.55 -2.09 -13.40
C LYS A 91 4.19 -1.45 -13.23
N CYS A 92 4.17 -0.12 -13.18
CA CYS A 92 2.92 0.61 -13.11
C CYS A 92 3.00 1.42 -14.40
N GLY A 93 1.90 1.50 -15.13
CA GLY A 93 1.93 2.23 -16.38
C GLY A 93 0.56 2.64 -16.90
N LEU A 94 0.56 3.28 -18.07
CA LEU A 94 -0.66 3.74 -18.72
C LEU A 94 -0.81 3.05 -20.07
N GLY A 95 -2.05 2.81 -20.49
CA GLY A 95 -2.32 2.17 -21.77
C GLY A 95 -2.10 0.68 -21.78
N ILE A 96 -1.49 0.18 -22.86
CA ILE A 96 -1.17 -1.24 -23.04
C ILE A 96 0.19 -1.54 -22.41
N ASN A 97 0.33 -2.75 -21.86
CA ASN A 97 1.59 -3.15 -21.20
C ASN A 97 2.83 -3.03 -22.07
N SER A 98 2.76 -3.50 -23.32
CA SER A 98 3.92 -3.46 -24.19
C SER A 98 4.23 -2.12 -24.86
N ARG A 99 3.53 -1.07 -24.42
CA ARG A 99 3.75 0.27 -24.95
C ARG A 99 4.98 0.86 -24.29
N GLY A 100 5.34 0.32 -23.12
CA GLY A 100 6.50 0.78 -22.39
C GLY A 100 6.27 1.99 -21.48
N LEU A 101 5.17 2.71 -21.71
CA LEU A 101 4.84 3.89 -20.90
C LEU A 101 4.57 3.46 -19.46
N SER A 102 5.65 3.11 -18.77
CA SER A 102 5.55 2.63 -17.40
C SER A 102 6.75 3.04 -16.54
N PHE A 103 6.84 2.43 -15.36
CA PHE A 103 7.93 2.69 -14.43
C PHE A 103 8.14 1.37 -13.70
N ASP A 104 9.38 0.94 -13.55
CA ASP A 104 9.65 -0.32 -12.88
C ASP A 104 9.77 -0.17 -11.36
N VAL A 105 9.08 -1.06 -10.65
CA VAL A 105 9.07 -1.06 -9.19
C VAL A 105 9.49 -2.42 -8.66
N SER A 106 10.47 -2.41 -7.76
CA SER A 106 10.95 -3.63 -7.15
C SER A 106 10.34 -3.73 -5.75
N LEU A 107 9.62 -4.82 -5.52
CA LEU A 107 8.97 -5.04 -4.22
C LEU A 107 9.67 -6.16 -3.47
N GLU A 108 10.14 -5.85 -2.26
CA GLU A 108 10.81 -6.82 -1.44
C GLU A 108 10.03 -7.00 -0.14
N VAL A 109 9.52 -8.22 0.08
CA VAL A 109 8.75 -8.54 1.28
C VAL A 109 9.66 -9.24 2.31
N LEU A 110 10.26 -8.47 3.21
CA LEU A 110 11.16 -9.03 4.22
C LEU A 110 10.43 -10.02 5.10
N GLU A 111 11.06 -11.15 5.36
CA GLU A 111 10.41 -12.16 6.17
C GLU A 111 10.10 -11.71 7.59
N HIS A 112 8.99 -12.21 8.09
CA HIS A 112 8.52 -11.92 9.44
C HIS A 112 9.15 -13.00 10.33
N HIS A 113 10.04 -12.60 11.23
CA HIS A 113 10.70 -13.54 12.14
C HIS A 113 9.77 -13.97 13.28
N HIS A 114 10.05 -15.11 13.90
CA HIS A 114 9.21 -15.59 14.99
C HIS A 114 9.32 -14.61 16.15
N HIS A 115 8.43 -14.72 17.14
CA HIS A 115 8.42 -13.81 18.29
C HIS A 115 8.88 -14.34 19.63
N HIS A 116 10.12 -14.83 19.74
CA HIS A 116 10.60 -15.31 21.03
C HIS A 116 11.49 -14.23 21.65
N HIS A 117 11.03 -13.67 22.78
CA HIS A 117 11.74 -12.60 23.50
C HIS A 117 11.58 -11.25 22.82
N PRO B 3 -30.05 -17.85 -2.16
CA PRO B 3 -28.73 -17.28 -1.88
C PRO B 3 -28.82 -15.74 -1.88
N ILE B 4 -28.49 -15.15 -3.03
CA ILE B 4 -28.54 -13.70 -3.19
C ILE B 4 -29.87 -13.31 -3.83
N PHE B 5 -30.36 -12.13 -3.47
CA PHE B 5 -31.62 -11.62 -4.01
C PHE B 5 -31.43 -10.14 -4.41
N GLY B 6 -32.16 -9.72 -5.44
CA GLY B 6 -32.09 -8.34 -5.85
C GLY B 6 -33.16 -8.02 -6.88
N PRO B 7 -33.02 -6.90 -7.60
CA PRO B 7 -33.98 -6.48 -8.63
C PRO B 7 -33.65 -7.17 -9.96
N GLU B 8 -34.53 -8.08 -10.38
CA GLU B 8 -34.31 -8.80 -11.62
C GLU B 8 -34.17 -7.82 -12.77
N GLU B 9 -34.94 -6.75 -12.72
CA GLU B 9 -34.89 -5.73 -13.77
C GLU B 9 -35.02 -4.35 -13.16
N VAL B 10 -34.27 -3.41 -13.70
CA VAL B 10 -34.28 -2.02 -13.24
C VAL B 10 -34.37 -1.11 -14.44
N ASN B 11 -35.35 -0.21 -14.45
CA ASN B 11 -35.54 0.72 -15.56
C ASN B 11 -35.34 2.12 -15.04
N SER B 12 -34.70 2.96 -15.85
CA SER B 12 -34.47 4.34 -15.45
C SER B 12 -34.46 5.20 -16.70
N VAL B 13 -34.24 6.48 -16.51
CA VAL B 13 -34.19 7.39 -17.66
C VAL B 13 -32.77 7.92 -17.71
N GLU B 14 -32.32 8.32 -18.90
CA GLU B 14 -30.98 8.88 -19.06
C GLU B 14 -30.90 10.14 -18.20
N GLY B 15 -29.74 10.32 -17.54
CA GLY B 15 -29.53 11.48 -16.69
C GLY B 15 -29.91 11.24 -15.24
N ASN B 16 -30.74 10.23 -15.00
CA ASN B 16 -31.17 9.90 -13.65
C ASN B 16 -30.13 9.15 -12.86
N SER B 17 -30.43 8.98 -11.57
CA SER B 17 -29.59 8.23 -10.65
C SER B 17 -30.46 7.04 -10.25
N VAL B 18 -29.84 5.93 -9.87
CA VAL B 18 -30.59 4.76 -9.43
C VAL B 18 -29.80 4.06 -8.34
N SER B 19 -30.53 3.29 -7.53
CA SER B 19 -29.94 2.54 -6.45
C SER B 19 -30.36 1.10 -6.64
N ILE B 20 -29.38 0.20 -6.59
CA ILE B 20 -29.64 -1.23 -6.75
C ILE B 20 -29.25 -1.93 -5.44
N THR B 21 -30.23 -2.57 -4.80
CA THR B 21 -29.99 -3.24 -3.53
C THR B 21 -30.04 -4.75 -3.63
N CYS B 22 -28.97 -5.40 -3.21
CA CYS B 22 -28.87 -6.85 -3.24
C CYS B 22 -28.79 -7.41 -1.84
N TYR B 23 -29.51 -8.51 -1.60
CA TYR B 23 -29.52 -9.15 -0.30
C TYR B 23 -28.79 -10.47 -0.29
N TYR B 24 -28.15 -10.77 0.83
CA TYR B 24 -27.41 -12.01 0.99
C TYR B 24 -27.55 -12.48 2.45
N PRO B 25 -27.28 -13.77 2.72
CA PRO B 25 -27.39 -14.30 4.08
C PRO B 25 -26.42 -13.60 5.03
N PRO B 26 -26.93 -13.00 6.11
CA PRO B 26 -26.06 -12.30 7.07
C PRO B 26 -25.09 -13.19 7.84
N THR B 27 -24.58 -14.23 7.19
CA THR B 27 -23.64 -15.13 7.85
C THR B 27 -22.31 -14.39 7.98
N SER B 28 -21.53 -14.75 9.01
CA SER B 28 -20.26 -14.09 9.26
C SER B 28 -19.37 -14.03 8.02
N VAL B 29 -19.17 -15.15 7.34
CA VAL B 29 -18.33 -15.16 6.14
C VAL B 29 -18.78 -14.21 5.04
N ASN B 30 -20.07 -14.23 4.71
CA ASN B 30 -20.62 -13.36 3.67
C ASN B 30 -20.32 -11.89 3.92
N ARG B 31 -20.32 -11.52 5.21
CA ARG B 31 -20.08 -10.15 5.67
C ARG B 31 -18.63 -9.65 5.59
N HIS B 32 -17.65 -10.55 5.54
CA HIS B 32 -16.25 -10.13 5.41
C HIS B 32 -16.02 -10.10 3.92
N THR B 33 -16.56 -11.14 3.28
CA THR B 33 -16.47 -11.37 1.84
C THR B 33 -16.68 -10.14 0.98
N ARG B 34 -15.95 -10.06 -0.13
CA ARG B 34 -16.05 -8.92 -1.02
C ARG B 34 -17.40 -8.89 -1.75
N LYS B 35 -17.91 -7.67 -1.96
CA LYS B 35 -19.18 -7.47 -2.64
C LYS B 35 -18.83 -6.86 -3.97
N TYR B 36 -19.50 -7.27 -5.03
CA TYR B 36 -19.18 -6.72 -6.34
C TYR B 36 -20.38 -6.47 -7.24
N TRP B 37 -20.17 -5.59 -8.21
CA TRP B 37 -21.18 -5.24 -9.20
C TRP B 37 -20.41 -5.26 -10.52
N CYS B 38 -20.80 -6.17 -11.41
CA CYS B 38 -20.11 -6.30 -12.70
C CYS B 38 -21.08 -6.34 -13.88
N ARG B 39 -20.53 -6.08 -15.07
CA ARG B 39 -21.28 -6.07 -16.31
C ARG B 39 -20.99 -7.36 -17.09
N GLN B 40 -22.02 -8.11 -17.47
CA GLN B 40 -21.80 -9.35 -18.22
C GLN B 40 -21.29 -9.05 -19.63
N CYS B 46 -17.80 -11.60 -16.71
CA CYS B 46 -18.31 -10.46 -15.95
C CYS B 46 -17.19 -9.50 -15.57
N ILE B 47 -17.30 -8.25 -16.02
CA ILE B 47 -16.31 -7.21 -15.74
C ILE B 47 -16.65 -6.37 -14.51
N THR B 48 -15.80 -6.41 -13.48
CA THR B 48 -16.01 -5.65 -12.25
C THR B 48 -16.08 -4.14 -12.53
N LEU B 49 -17.15 -3.51 -12.05
CA LEU B 49 -17.36 -2.07 -12.22
C LEU B 49 -17.02 -1.37 -10.90
N ILE B 50 -17.39 -2.02 -9.79
CA ILE B 50 -17.14 -1.49 -8.46
C ILE B 50 -17.24 -2.62 -7.43
N SER B 51 -16.35 -2.62 -6.44
CA SER B 51 -16.37 -3.64 -5.39
C SER B 51 -16.22 -3.02 -4.00
N SER B 52 -16.60 -3.81 -2.98
CA SER B 52 -16.57 -3.40 -1.59
C SER B 52 -15.19 -3.16 -0.96
N GLU B 53 -14.13 -3.55 -1.64
CA GLU B 53 -12.78 -3.32 -1.12
C GLU B 53 -12.41 -1.86 -1.35
N GLY B 54 -13.13 -1.22 -2.27
CA GLY B 54 -12.88 0.17 -2.61
C GLY B 54 -12.52 0.33 -4.08
N TYR B 55 -12.61 -0.74 -4.85
CA TYR B 55 -12.29 -0.66 -6.27
C TYR B 55 -13.44 -0.07 -7.08
N VAL B 56 -13.11 0.83 -8.00
CA VAL B 56 -14.12 1.41 -8.88
C VAL B 56 -13.46 1.48 -10.25
N SER B 57 -14.13 0.99 -11.28
CA SER B 57 -13.55 1.02 -12.62
C SER B 57 -13.68 2.42 -13.20
N SER B 58 -12.86 2.72 -14.20
CA SER B 58 -12.85 4.05 -14.83
C SER B 58 -14.18 4.50 -15.40
N LYS B 59 -15.10 3.58 -15.63
CA LYS B 59 -16.41 3.95 -16.16
C LYS B 59 -17.34 4.42 -15.05
N TYR B 60 -17.04 4.03 -13.82
CA TYR B 60 -17.84 4.41 -12.66
C TYR B 60 -17.17 5.43 -11.77
N ALA B 61 -15.92 5.78 -12.11
CA ALA B 61 -15.15 6.74 -11.33
C ALA B 61 -15.81 8.11 -11.32
N GLY B 62 -16.21 8.54 -10.12
CA GLY B 62 -16.85 9.84 -9.96
C GLY B 62 -18.36 9.82 -10.06
N ARG B 63 -18.92 8.76 -10.64
CA ARG B 63 -20.37 8.68 -10.82
C ARG B 63 -21.07 7.48 -10.20
N ALA B 64 -20.39 6.76 -9.31
CA ALA B 64 -20.98 5.59 -8.69
C ALA B 64 -20.42 5.36 -7.29
N ASN B 65 -21.19 4.67 -6.47
CA ASN B 65 -20.84 4.38 -5.08
C ASN B 65 -21.42 3.03 -4.70
N LEU B 66 -20.78 2.37 -3.74
CA LEU B 66 -21.28 1.09 -3.26
C LEU B 66 -21.40 1.23 -1.75
N THR B 67 -22.62 1.12 -1.25
CA THR B 67 -22.90 1.23 0.17
C THR B 67 -22.95 -0.19 0.72
N ASN B 68 -22.29 -0.42 1.85
CA ASN B 68 -22.24 -1.76 2.42
C ASN B 68 -22.93 -1.85 3.77
N PHE B 69 -23.92 -2.74 3.85
CA PHE B 69 -24.69 -2.93 5.07
C PHE B 69 -24.69 -4.37 5.59
N PRO B 70 -23.58 -4.80 6.20
CA PRO B 70 -23.43 -6.16 6.75
C PRO B 70 -24.60 -6.62 7.62
N GLU B 71 -24.94 -5.83 8.63
CA GLU B 71 -26.02 -6.18 9.56
C GLU B 71 -27.26 -6.69 8.84
N ASN B 72 -27.64 -5.98 7.79
CA ASN B 72 -28.82 -6.31 7.00
C ASN B 72 -28.56 -7.43 5.99
N GLY B 73 -27.29 -7.70 5.71
CA GLY B 73 -26.96 -8.68 4.72
C GLY B 73 -27.24 -8.06 3.37
N THR B 74 -27.20 -6.73 3.30
CA THR B 74 -27.44 -6.04 2.04
C THR B 74 -26.33 -5.06 1.68
N PHE B 75 -26.26 -4.74 0.39
CA PHE B 75 -25.32 -3.76 -0.08
C PHE B 75 -26.00 -3.02 -1.23
N VAL B 76 -25.73 -1.73 -1.34
CA VAL B 76 -26.35 -0.88 -2.35
C VAL B 76 -25.36 -0.24 -3.32
N VAL B 77 -25.68 -0.34 -4.61
CA VAL B 77 -24.88 0.26 -5.65
C VAL B 77 -25.65 1.48 -6.14
N ASN B 78 -25.04 2.65 -6.00
CA ASN B 78 -25.66 3.89 -6.44
C ASN B 78 -24.96 4.30 -7.72
N ILE B 79 -25.74 4.54 -8.78
CA ILE B 79 -25.16 4.95 -10.06
C ILE B 79 -25.83 6.23 -10.52
N ALA B 80 -25.04 7.27 -10.76
CA ALA B 80 -25.57 8.55 -11.19
C ALA B 80 -25.22 8.83 -12.64
N GLN B 81 -25.94 9.77 -13.24
CA GLN B 81 -25.70 10.16 -14.63
C GLN B 81 -25.83 8.99 -15.60
N LEU B 82 -26.93 8.25 -15.46
CA LEU B 82 -27.16 7.11 -16.33
C LEU B 82 -27.08 7.50 -17.80
N SER B 83 -26.21 6.82 -18.54
CA SER B 83 -26.01 7.06 -19.95
C SER B 83 -26.61 5.89 -20.71
N GLN B 84 -26.92 6.09 -21.99
CA GLN B 84 -27.49 5.01 -22.79
C GLN B 84 -26.52 3.84 -22.77
N ASP B 85 -25.25 4.16 -22.51
CA ASP B 85 -24.21 3.15 -22.45
C ASP B 85 -24.40 2.24 -21.24
N ASP B 86 -25.30 2.63 -20.34
CA ASP B 86 -25.52 1.83 -19.14
C ASP B 86 -26.51 0.69 -19.29
N SER B 87 -27.36 0.74 -20.31
CA SER B 87 -28.34 -0.33 -20.51
C SER B 87 -27.57 -1.63 -20.74
N GLY B 88 -27.96 -2.67 -20.03
CA GLY B 88 -27.28 -3.94 -20.19
C GLY B 88 -27.55 -4.93 -19.08
N ARG B 89 -26.76 -5.99 -19.06
CA ARG B 89 -26.87 -7.06 -18.07
C ARG B 89 -25.73 -6.97 -17.07
N TYR B 90 -26.09 -7.05 -15.78
CA TYR B 90 -25.11 -6.98 -14.72
C TYR B 90 -25.35 -8.07 -13.69
N LYS B 91 -24.47 -8.10 -12.69
CA LYS B 91 -24.57 -9.08 -11.60
C LYS B 91 -24.04 -8.45 -10.33
N CYS B 92 -24.69 -8.75 -9.22
CA CYS B 92 -24.22 -8.29 -7.93
C CYS B 92 -23.92 -9.63 -7.24
N GLY B 93 -22.82 -9.70 -6.52
CA GLY B 93 -22.48 -10.95 -5.86
C GLY B 93 -21.47 -10.80 -4.74
N LEU B 94 -21.10 -11.94 -4.17
CA LEU B 94 -20.16 -12.05 -3.06
C LEU B 94 -18.94 -12.86 -3.50
N GLY B 95 -17.79 -12.55 -2.91
CA GLY B 95 -16.58 -13.27 -3.24
C GLY B 95 -16.02 -12.84 -4.58
N ILE B 96 -15.73 -13.82 -5.43
CA ILE B 96 -15.22 -13.51 -6.75
C ILE B 96 -16.28 -13.87 -7.77
N ASN B 97 -16.40 -13.01 -8.77
CA ASN B 97 -17.39 -13.16 -9.83
C ASN B 97 -17.56 -14.64 -10.24
N SER B 98 -16.51 -15.44 -10.02
CA SER B 98 -16.50 -16.86 -10.35
C SER B 98 -17.11 -17.74 -9.26
N ARG B 99 -16.83 -17.42 -8.00
CA ARG B 99 -17.34 -18.16 -6.85
C ARG B 99 -18.87 -18.19 -6.75
N GLY B 100 -19.52 -18.41 -7.89
CA GLY B 100 -20.97 -18.49 -7.94
C GLY B 100 -21.74 -17.32 -7.38
N LEU B 101 -22.23 -17.48 -6.15
CA LEU B 101 -23.00 -16.47 -5.43
C LEU B 101 -23.28 -15.14 -6.14
N SER B 102 -24.15 -15.15 -7.14
CA SER B 102 -24.48 -13.93 -7.84
C SER B 102 -25.95 -13.91 -8.25
N PHE B 103 -26.40 -12.72 -8.64
CA PHE B 103 -27.79 -12.49 -9.05
C PHE B 103 -27.69 -11.67 -10.34
N ASP B 104 -28.53 -11.99 -11.32
CA ASP B 104 -28.51 -11.27 -12.59
C ASP B 104 -29.48 -10.08 -12.59
N VAL B 105 -28.95 -8.89 -12.87
CA VAL B 105 -29.78 -7.69 -12.91
C VAL B 105 -29.72 -7.07 -14.30
N SER B 106 -30.89 -6.82 -14.86
CA SER B 106 -31.01 -6.22 -16.18
C SER B 106 -31.32 -4.74 -16.00
N LEU B 107 -30.45 -3.89 -16.51
CA LEU B 107 -30.65 -2.45 -16.40
C LEU B 107 -31.02 -1.84 -17.73
N GLU B 108 -32.15 -1.13 -17.74
CA GLU B 108 -32.63 -0.47 -18.93
C GLU B 108 -32.80 1.01 -18.67
N VAL B 109 -31.98 1.83 -19.32
CA VAL B 109 -32.04 3.28 -19.19
C VAL B 109 -32.83 3.76 -20.39
N LEU B 110 -34.08 4.12 -20.18
CA LEU B 110 -34.94 4.54 -21.27
C LEU B 110 -34.49 5.87 -21.84
N GLU B 111 -34.74 6.07 -23.12
CA GLU B 111 -34.35 7.30 -23.79
C GLU B 111 -35.01 8.52 -23.18
N HIS B 112 -34.23 9.60 -23.13
CA HIS B 112 -34.65 10.90 -22.62
C HIS B 112 -35.16 11.61 -23.89
N HIS B 113 -36.24 12.38 -23.77
CA HIS B 113 -36.79 13.07 -24.93
C HIS B 113 -36.60 14.59 -24.91
N HIS B 114 -36.71 15.23 -26.07
CA HIS B 114 -36.58 16.68 -26.17
C HIS B 114 -37.74 17.26 -25.36
N HIS B 115 -37.60 18.49 -24.88
CA HIS B 115 -38.66 19.08 -24.07
C HIS B 115 -39.86 19.74 -24.78
N HIS B 116 -39.74 20.03 -26.07
CA HIS B 116 -40.85 20.70 -26.77
C HIS B 116 -42.21 20.17 -26.35
N PRO C 3 -4.64 -1.62 20.43
CA PRO C 3 -5.56 -2.42 19.58
C PRO C 3 -5.61 -1.87 18.15
N ILE C 4 -5.59 -0.54 18.03
CA ILE C 4 -5.64 0.15 16.75
C ILE C 4 -4.31 0.87 16.53
N PHE C 5 -3.50 0.36 15.60
CA PHE C 5 -2.19 0.94 15.30
C PHE C 5 -2.11 1.53 13.89
N GLY C 6 -1.27 2.54 13.72
CA GLY C 6 -1.08 3.20 12.44
C GLY C 6 0.11 4.15 12.49
N PRO C 7 0.20 5.11 11.55
CA PRO C 7 1.30 6.08 11.49
C PRO C 7 1.02 7.23 12.44
N GLU C 8 1.80 7.33 13.51
CA GLU C 8 1.59 8.40 14.48
C GLU C 8 1.73 9.76 13.79
N GLU C 9 2.61 9.83 12.80
CA GLU C 9 2.83 11.08 12.08
C GLU C 9 3.11 10.78 10.61
N VAL C 10 2.54 11.61 9.74
CA VAL C 10 2.70 11.47 8.29
C VAL C 10 3.04 12.83 7.70
N ASN C 11 4.12 12.91 6.95
CA ASN C 11 4.54 14.16 6.33
C ASN C 11 4.48 13.98 4.83
N SER C 12 4.06 15.03 4.14
CA SER C 12 3.99 14.99 2.69
C SER C 12 4.23 16.38 2.14
N VAL C 13 4.23 16.50 0.82
CA VAL C 13 4.46 17.77 0.17
C VAL C 13 3.21 18.13 -0.62
N GLU C 14 2.83 19.41 -0.55
CA GLU C 14 1.65 19.87 -1.25
C GLU C 14 1.64 19.46 -2.71
N GLY C 15 0.52 18.91 -3.15
CA GLY C 15 0.41 18.49 -4.53
C GLY C 15 0.56 16.99 -4.72
N ASN C 16 1.07 16.32 -3.69
CA ASN C 16 1.25 14.87 -3.77
C ASN C 16 0.04 14.08 -3.28
N SER C 17 0.17 12.76 -3.33
CA SER C 17 -0.85 11.85 -2.86
C SER C 17 -0.18 11.06 -1.73
N VAL C 18 -0.94 10.69 -0.72
CA VAL C 18 -0.41 9.92 0.40
C VAL C 18 -1.40 8.82 0.77
N SER C 19 -0.91 7.73 1.36
CA SER C 19 -1.75 6.61 1.80
C SER C 19 -1.46 6.37 3.28
N ILE C 20 -2.52 6.20 4.07
CA ILE C 20 -2.38 5.96 5.50
C ILE C 20 -3.03 4.61 5.84
N THR C 21 -2.22 3.72 6.41
CA THR C 21 -2.70 2.39 6.74
C THR C 21 -2.85 2.16 8.23
N CYS C 22 -4.04 1.72 8.63
CA CYS C 22 -4.32 1.46 10.02
C CYS C 22 -4.65 -0.02 10.24
N TYR C 23 -4.12 -0.59 11.31
CA TYR C 23 -4.33 -1.99 11.63
C TYR C 23 -5.23 -2.18 12.83
N TYR C 24 -6.01 -3.25 12.78
CA TYR C 24 -6.93 -3.59 13.86
C TYR C 24 -7.01 -5.11 13.98
N PRO C 25 -7.52 -5.62 15.11
CA PRO C 25 -7.63 -7.07 15.30
C PRO C 25 -8.63 -7.66 14.29
N PRO C 26 -8.16 -8.51 13.36
CA PRO C 26 -9.04 -9.10 12.36
C PRO C 26 -10.04 -10.11 12.91
N THR C 27 -10.65 -9.78 14.04
CA THR C 27 -11.64 -10.65 14.63
C THR C 27 -12.85 -10.58 13.70
N SER C 28 -13.75 -11.55 13.83
CA SER C 28 -14.95 -11.65 13.01
C SER C 28 -15.78 -10.37 12.99
N VAL C 29 -16.08 -9.83 14.17
CA VAL C 29 -16.87 -8.62 14.27
C VAL C 29 -16.20 -7.41 13.64
N ASN C 30 -14.93 -7.19 13.97
CA ASN C 30 -14.17 -6.05 13.44
C ASN C 30 -14.16 -5.99 11.91
N ARG C 31 -14.08 -7.17 11.28
CA ARG C 31 -14.05 -7.26 9.83
C ARG C 31 -15.27 -6.68 9.13
N HIS C 32 -16.36 -6.50 9.87
CA HIS C 32 -17.54 -5.90 9.26
C HIS C 32 -18.09 -4.77 10.13
N THR C 33 -17.19 -4.15 10.90
CA THR C 33 -17.49 -3.01 11.76
C THR C 33 -16.97 -1.76 11.05
N ARG C 34 -17.78 -0.70 11.05
CA ARG C 34 -17.48 0.57 10.40
C ARG C 34 -16.01 1.03 10.53
N LYS C 35 -15.41 1.47 9.43
CA LYS C 35 -14.04 1.97 9.45
C LYS C 35 -14.16 3.45 9.12
N TYR C 36 -13.46 4.31 9.85
CA TYR C 36 -13.55 5.73 9.60
C TYR C 36 -12.25 6.50 9.69
N TRP C 37 -12.24 7.67 9.06
CA TRP C 37 -11.12 8.59 9.02
C TRP C 37 -11.74 9.96 9.30
N CYS C 38 -11.36 10.57 10.41
CA CYS C 38 -11.92 11.88 10.76
C CYS C 38 -10.85 12.87 11.17
N ARG C 39 -11.22 14.14 11.15
CA ARG C 39 -10.31 15.20 11.52
C ARG C 39 -10.72 15.79 12.86
N GLN C 40 -9.75 16.03 13.73
CA GLN C 40 -10.01 16.59 15.04
C GLN C 40 -10.18 18.10 14.94
N CYS C 46 -14.28 15.25 16.46
CA CYS C 46 -13.69 14.69 15.25
C CYS C 46 -14.76 14.47 14.19
N ILE C 47 -14.59 15.13 13.05
CA ILE C 47 -15.54 15.05 11.95
C ILE C 47 -15.17 14.02 10.88
N THR C 48 -16.10 13.13 10.57
CA THR C 48 -15.84 12.10 9.57
C THR C 48 -15.60 12.68 8.18
N LEU C 49 -14.51 12.23 7.56
CA LEU C 49 -14.11 12.67 6.24
C LEU C 49 -14.50 11.60 5.23
N ILE C 50 -14.32 10.35 5.64
CA ILE C 50 -14.65 9.20 4.81
C ILE C 50 -14.80 7.96 5.67
N SER C 51 -15.76 7.11 5.31
CA SER C 51 -16.04 5.89 6.07
C SER C 51 -16.22 4.68 5.12
N SER C 52 -16.09 3.47 5.66
CA SER C 52 -16.17 2.21 4.90
C SER C 52 -17.53 1.64 4.51
N GLU C 53 -18.62 2.25 4.97
CA GLU C 53 -19.94 1.75 4.58
C GLU C 53 -20.34 2.45 3.29
N GLY C 54 -19.46 3.33 2.81
CA GLY C 54 -19.70 4.06 1.58
C GLY C 54 -19.76 5.58 1.73
N TYR C 55 -19.59 6.05 2.95
CA TYR C 55 -19.63 7.48 3.24
C TYR C 55 -18.34 8.25 2.93
N VAL C 56 -18.49 9.42 2.34
CA VAL C 56 -17.38 10.30 2.01
C VAL C 56 -17.97 11.69 2.10
N SER C 57 -17.36 12.53 2.94
CA SER C 57 -17.84 13.90 3.10
C SER C 57 -17.60 14.67 1.81
N SER C 58 -18.27 15.80 1.66
CA SER C 58 -18.11 16.62 0.47
C SER C 58 -16.67 17.14 0.33
N LYS C 59 -15.92 17.14 1.42
CA LYS C 59 -14.54 17.62 1.41
C LYS C 59 -13.59 16.58 0.80
N TYR C 60 -13.86 15.30 1.01
CA TYR C 60 -13.00 14.26 0.47
C TYR C 60 -13.47 13.67 -0.85
N ALA C 61 -14.72 13.91 -1.20
CA ALA C 61 -15.26 13.40 -2.45
C ALA C 61 -14.39 13.82 -3.63
N GLY C 62 -13.91 12.84 -4.38
CA GLY C 62 -13.09 13.12 -5.54
C GLY C 62 -11.59 13.22 -5.31
N ARG C 63 -11.16 13.49 -4.08
CA ARG C 63 -9.73 13.61 -3.82
C ARG C 63 -9.21 12.55 -2.88
N ALA C 64 -10.07 11.62 -2.49
CA ALA C 64 -9.66 10.55 -1.58
C ALA C 64 -10.64 9.39 -1.57
N ASN C 65 -10.16 8.22 -1.15
CA ASN C 65 -11.02 7.04 -1.02
C ASN C 65 -10.49 6.15 0.09
N LEU C 66 -11.22 5.08 0.39
CA LEU C 66 -10.82 4.17 1.45
C LEU C 66 -10.78 2.74 0.95
N THR C 67 -9.67 2.05 1.20
CA THR C 67 -9.53 0.65 0.82
C THR C 67 -9.69 -0.22 2.08
N ASN C 68 -10.67 -1.12 2.05
CA ASN C 68 -10.96 -1.97 3.21
C ASN C 68 -10.46 -3.40 2.99
N PHE C 69 -9.55 -3.83 3.85
CA PHE C 69 -8.94 -5.16 3.77
C PHE C 69 -9.14 -5.89 5.10
N PRO C 70 -10.39 -6.32 5.38
CA PRO C 70 -10.73 -7.03 6.62
C PRO C 70 -9.86 -8.26 6.87
N GLU C 71 -9.75 -9.11 5.86
CA GLU C 71 -8.97 -10.34 5.92
C GLU C 71 -7.59 -10.13 6.52
N ASN C 72 -7.08 -8.91 6.41
CA ASN C 72 -5.76 -8.54 6.90
C ASN C 72 -5.82 -7.66 8.14
N GLY C 73 -7.03 -7.26 8.53
CA GLY C 73 -7.16 -6.40 9.70
C GLY C 73 -6.60 -5.02 9.43
N THR C 74 -6.66 -4.60 8.17
CA THR C 74 -6.17 -3.29 7.82
C THR C 74 -7.09 -2.57 6.86
N PHE C 75 -6.99 -1.25 6.84
CA PHE C 75 -7.75 -0.44 5.90
C PHE C 75 -6.83 0.72 5.54
N VAL C 76 -6.93 1.15 4.28
CA VAL C 76 -6.11 2.23 3.77
C VAL C 76 -6.90 3.43 3.29
N VAL C 77 -6.46 4.62 3.70
CA VAL C 77 -7.07 5.85 3.26
C VAL C 77 -6.08 6.51 2.29
N ASN C 78 -6.53 6.71 1.06
CA ASN C 78 -5.68 7.34 0.04
C ASN C 78 -6.20 8.77 -0.10
N ILE C 79 -5.29 9.74 0.00
CA ILE C 79 -5.63 11.15 -0.11
C ILE C 79 -4.80 11.76 -1.23
N ALA C 80 -5.48 12.26 -2.26
CA ALA C 80 -4.82 12.86 -3.41
C ALA C 80 -4.81 14.39 -3.37
N GLN C 81 -3.93 14.97 -4.19
CA GLN C 81 -3.78 16.42 -4.31
C GLN C 81 -3.66 17.09 -2.93
N LEU C 82 -2.70 16.64 -2.14
CA LEU C 82 -2.50 17.20 -0.81
C LEU C 82 -2.34 18.71 -0.83
N SER C 83 -2.87 19.35 0.20
CA SER C 83 -2.82 20.79 0.36
C SER C 83 -2.43 21.15 1.78
N GLN C 84 -1.88 22.35 1.95
CA GLN C 84 -1.46 22.79 3.28
C GLN C 84 -2.67 22.86 4.20
N ASP C 85 -3.85 22.87 3.60
CA ASP C 85 -5.10 22.91 4.35
C ASP C 85 -5.32 21.56 5.03
N ASP C 86 -4.68 20.54 4.48
CA ASP C 86 -4.78 19.18 5.01
C ASP C 86 -3.94 18.94 6.27
N SER C 87 -3.00 19.83 6.55
CA SER C 87 -2.18 19.70 7.75
C SER C 87 -3.08 19.70 8.97
N GLY C 88 -2.92 18.73 9.85
CA GLY C 88 -3.76 18.69 11.04
C GLY C 88 -3.73 17.35 11.77
N ARG C 89 -4.66 17.20 12.70
CA ARG C 89 -4.78 15.98 13.49
C ARG C 89 -6.00 15.18 13.02
N TYR C 90 -5.82 13.89 12.84
CA TYR C 90 -6.89 13.02 12.39
C TYR C 90 -6.90 11.76 13.23
N LYS C 91 -7.87 10.89 12.95
CA LYS C 91 -8.01 9.63 13.66
C LYS C 91 -8.58 8.59 12.70
N CYS C 92 -8.10 7.37 12.83
CA CYS C 92 -8.62 6.27 12.02
C CYS C 92 -9.17 5.35 13.11
N GLY C 93 -10.34 4.78 12.90
CA GLY C 93 -10.90 3.91 13.91
C GLY C 93 -11.99 3.00 13.40
N LEU C 94 -12.58 2.24 14.32
CA LEU C 94 -13.68 1.33 13.98
C LEU C 94 -14.93 1.70 14.79
N GLY C 95 -16.11 1.45 14.23
CA GLY C 95 -17.36 1.76 14.91
C GLY C 95 -17.73 3.22 14.77
N ILE C 96 -18.13 3.84 15.88
CA ILE C 96 -18.50 5.25 15.88
C ILE C 96 -17.33 6.11 16.36
N ASN C 97 -17.25 7.33 15.83
CA ASN C 97 -16.18 8.27 16.15
C ASN C 97 -15.98 8.53 17.64
N SER C 98 -16.90 9.30 18.23
CA SER C 98 -16.81 9.66 19.65
C SER C 98 -16.59 8.47 20.59
N ARG C 99 -16.88 7.25 20.11
CA ARG C 99 -16.70 6.05 20.92
C ARG C 99 -15.24 5.91 21.36
N GLY C 100 -14.41 6.83 20.88
CA GLY C 100 -13.00 6.83 21.23
C GLY C 100 -12.22 5.58 20.86
N LEU C 101 -12.79 4.76 19.98
CA LEU C 101 -12.13 3.53 19.55
C LEU C 101 -11.34 3.82 18.26
N SER C 102 -10.16 4.42 18.41
CA SER C 102 -9.34 4.78 17.25
C SER C 102 -7.83 5.01 17.54
N PHE C 103 -7.15 5.63 16.58
CA PHE C 103 -5.71 5.96 16.67
C PHE C 103 -5.50 7.37 16.13
N ASP C 104 -4.63 8.13 16.80
CA ASP C 104 -4.38 9.51 16.37
C ASP C 104 -3.24 9.65 15.38
N VAL C 105 -3.54 10.28 14.24
CA VAL C 105 -2.54 10.49 13.21
C VAL C 105 -2.38 11.97 12.93
N SER C 106 -1.14 12.44 12.97
CA SER C 106 -0.84 13.84 12.68
C SER C 106 -0.32 13.95 11.27
N LEU C 107 -0.99 14.76 10.46
CA LEU C 107 -0.61 14.95 9.07
C LEU C 107 -0.01 16.34 8.84
N GLU C 108 1.19 16.37 8.26
CA GLU C 108 1.88 17.62 7.97
C GLU C 108 2.11 17.71 6.47
N VAL C 109 1.51 18.72 5.84
CA VAL C 109 1.69 18.89 4.40
C VAL C 109 2.64 20.05 4.19
N LEU C 110 3.85 19.75 3.72
CA LEU C 110 4.84 20.78 3.49
C LEU C 110 4.63 21.56 2.20
N GLU C 111 5.15 22.78 2.20
CA GLU C 111 5.05 23.67 1.07
C GLU C 111 5.92 23.13 -0.06
N HIS C 112 5.25 22.62 -1.09
CA HIS C 112 5.87 22.04 -2.29
C HIS C 112 7.24 22.57 -2.67
N PRO D 3 -38.28 23.07 -6.68
CA PRO D 3 -36.95 23.09 -6.03
C PRO D 3 -36.40 21.67 -5.89
N ILE D 4 -36.16 21.25 -4.65
CA ILE D 4 -35.66 19.90 -4.39
C ILE D 4 -36.82 18.92 -4.54
N PHE D 5 -36.71 18.03 -5.52
CA PHE D 5 -37.74 17.04 -5.80
C PHE D 5 -37.33 15.66 -5.27
N GLY D 6 -38.32 14.89 -4.81
CA GLY D 6 -38.01 13.56 -4.31
C GLY D 6 -39.25 12.70 -4.17
N PRO D 7 -39.18 11.59 -3.41
CA PRO D 7 -40.33 10.70 -3.22
C PRO D 7 -41.21 11.23 -2.10
N GLU D 8 -42.42 11.67 -2.44
CA GLU D 8 -43.33 12.21 -1.44
C GLU D 8 -43.62 11.15 -0.38
N GLU D 9 -43.66 9.89 -0.80
CA GLU D 9 -43.92 8.81 0.14
C GLU D 9 -43.12 7.57 -0.25
N VAL D 10 -42.58 6.89 0.76
CA VAL D 10 -41.79 5.69 0.54
C VAL D 10 -42.23 4.63 1.54
N ASN D 11 -42.55 3.44 1.05
CA ASN D 11 -42.93 2.38 1.97
C ASN D 11 -41.99 1.22 1.80
N SER D 12 -41.74 0.54 2.90
CA SER D 12 -40.84 -0.60 2.90
C SER D 12 -41.30 -1.58 3.96
N VAL D 13 -40.55 -2.67 4.11
CA VAL D 13 -40.89 -3.67 5.10
C VAL D 13 -39.76 -3.79 6.11
N GLU D 14 -40.12 -4.18 7.33
CA GLU D 14 -39.15 -4.34 8.40
C GLU D 14 -37.97 -5.20 7.98
N GLY D 15 -36.76 -4.75 8.30
CA GLY D 15 -35.57 -5.50 7.96
C GLY D 15 -34.99 -5.18 6.60
N ASN D 16 -35.80 -4.56 5.74
CA ASN D 16 -35.37 -4.19 4.40
C ASN D 16 -34.46 -2.96 4.47
N SER D 17 -33.93 -2.58 3.32
CA SER D 17 -33.12 -1.37 3.21
C SER D 17 -33.91 -0.57 2.19
N VAL D 18 -33.61 0.71 2.07
CA VAL D 18 -34.27 1.53 1.07
C VAL D 18 -33.39 2.74 0.77
N SER D 19 -33.46 3.20 -0.47
CA SER D 19 -32.67 4.34 -0.89
C SER D 19 -33.64 5.45 -1.31
N ILE D 20 -33.37 6.67 -0.87
CA ILE D 20 -34.22 7.81 -1.19
C ILE D 20 -33.40 8.81 -1.98
N THR D 21 -33.87 9.14 -3.17
CA THR D 21 -33.17 10.06 -4.05
C THR D 21 -33.86 11.42 -4.17
N CYS D 22 -33.11 12.47 -3.88
CA CYS D 22 -33.62 13.83 -3.95
C CYS D 22 -32.87 14.62 -5.02
N TYR D 23 -33.63 15.39 -5.82
CA TYR D 23 -33.05 16.19 -6.89
C TYR D 23 -33.08 17.67 -6.55
N TYR D 24 -32.05 18.37 -7.03
CA TYR D 24 -31.93 19.80 -6.81
C TYR D 24 -31.31 20.43 -8.07
N PRO D 25 -31.57 21.71 -8.29
CA PRO D 25 -31.02 22.38 -9.48
C PRO D 25 -29.50 22.43 -9.31
N PRO D 26 -28.76 21.74 -10.18
CA PRO D 26 -27.30 21.70 -10.14
C PRO D 26 -26.56 23.00 -10.45
N THR D 27 -26.47 23.90 -9.47
CA THR D 27 -25.76 25.16 -9.66
C THR D 27 -24.42 25.05 -8.94
N SER D 28 -23.65 26.13 -8.94
CA SER D 28 -22.36 26.13 -8.26
C SER D 28 -22.64 26.01 -6.78
N VAL D 29 -23.60 26.79 -6.30
CA VAL D 29 -23.99 26.78 -4.91
C VAL D 29 -24.45 25.39 -4.51
N ASN D 30 -25.63 25.02 -5.01
CA ASN D 30 -26.22 23.71 -4.72
C ASN D 30 -25.21 22.57 -4.59
N ARG D 31 -24.15 22.60 -5.40
CA ARG D 31 -23.13 21.55 -5.33
C ARG D 31 -22.35 21.65 -4.05
N HIS D 32 -21.75 22.81 -3.80
CA HIS D 32 -20.96 23.03 -2.58
C HIS D 32 -21.82 22.96 -1.32
N THR D 33 -23.09 23.36 -1.46
CA THR D 33 -24.05 23.38 -0.36
C THR D 33 -24.10 22.05 0.39
N ARG D 34 -24.36 22.09 1.70
CA ARG D 34 -24.45 20.84 2.43
C ARG D 34 -25.79 20.20 2.09
N LYS D 35 -25.84 18.87 2.14
CA LYS D 35 -27.06 18.12 1.85
C LYS D 35 -27.44 17.44 3.15
N TYR D 36 -28.73 17.39 3.46
CA TYR D 36 -29.13 16.76 4.70
C TYR D 36 -30.40 15.93 4.62
N TRP D 37 -30.55 15.06 5.60
CA TRP D 37 -31.69 14.19 5.74
C TRP D 37 -32.06 14.30 7.22
N CYS D 38 -33.25 14.82 7.50
CA CYS D 38 -33.68 14.97 8.89
C CYS D 38 -35.07 14.43 9.15
N ARG D 39 -35.37 14.21 10.42
CA ARG D 39 -36.68 13.69 10.82
C ARG D 39 -37.49 14.76 11.55
N GLN D 40 -38.80 14.79 11.29
CA GLN D 40 -39.70 15.74 11.92
C GLN D 40 -39.70 15.65 13.44
N CYS D 46 -36.70 19.74 12.75
CA CYS D 46 -36.22 18.67 11.88
C CYS D 46 -34.80 18.29 12.31
N ILE D 47 -34.71 17.17 13.03
CA ILE D 47 -33.44 16.68 13.55
C ILE D 47 -32.57 16.01 12.49
N THR D 48 -31.36 16.53 12.25
CA THR D 48 -30.48 15.93 11.26
C THR D 48 -30.07 14.51 11.64
N LEU D 49 -30.23 13.60 10.70
CA LEU D 49 -29.86 12.20 10.91
C LEU D 49 -28.54 11.91 10.21
N ILE D 50 -28.33 12.56 9.07
CA ILE D 50 -27.11 12.39 8.30
C ILE D 50 -26.96 13.56 7.32
N SER D 51 -25.73 14.05 7.15
CA SER D 51 -25.47 15.16 6.23
C SER D 51 -24.21 14.88 5.40
N SER D 52 -23.98 15.67 4.37
CA SER D 52 -22.81 15.49 3.52
C SER D 52 -21.60 16.26 4.02
N GLU D 53 -21.69 16.81 5.24
CA GLU D 53 -20.62 17.59 5.82
C GLU D 53 -19.80 16.91 6.91
N GLY D 54 -19.89 15.59 7.04
CA GLY D 54 -19.12 14.89 8.05
C GLY D 54 -19.84 14.48 9.32
N TYR D 55 -21.17 14.51 9.27
CA TYR D 55 -21.99 14.15 10.42
C TYR D 55 -22.99 13.02 10.15
N VAL D 56 -23.08 12.12 11.12
CA VAL D 56 -24.01 10.99 11.06
C VAL D 56 -24.34 10.65 12.50
N SER D 57 -25.60 10.79 12.88
CA SER D 57 -26.02 10.49 14.24
C SER D 57 -25.71 9.04 14.58
N SER D 58 -25.26 8.78 15.81
CA SER D 58 -24.94 7.43 16.24
C SER D 58 -26.16 6.54 15.94
N LYS D 59 -27.33 7.18 15.87
CA LYS D 59 -28.58 6.48 15.58
C LYS D 59 -28.53 5.93 14.15
N TYR D 60 -27.82 6.63 13.26
CA TYR D 60 -27.69 6.19 11.88
C TYR D 60 -26.35 5.53 11.62
N ALA D 61 -25.29 6.11 12.20
CA ALA D 61 -23.94 5.58 12.02
C ALA D 61 -23.93 4.07 11.83
N GLY D 62 -23.44 3.64 10.67
CA GLY D 62 -23.37 2.22 10.39
C GLY D 62 -24.55 1.67 9.63
N ARG D 63 -25.74 2.24 9.81
CA ARG D 63 -26.92 1.72 9.12
C ARG D 63 -27.44 2.65 8.04
N ALA D 64 -26.63 3.63 7.63
CA ALA D 64 -27.07 4.59 6.63
C ALA D 64 -25.92 5.33 5.96
N ASN D 65 -26.22 5.89 4.79
CA ASN D 65 -25.24 6.63 4.03
C ASN D 65 -25.91 7.71 3.16
N LEU D 66 -25.19 8.82 2.96
CA LEU D 66 -25.68 9.90 2.13
C LEU D 66 -24.60 10.16 1.08
N THR D 67 -24.98 10.11 -0.18
CA THR D 67 -24.06 10.31 -1.30
C THR D 67 -24.56 11.44 -2.18
N ASN D 68 -23.67 12.35 -2.58
CA ASN D 68 -24.06 13.47 -3.43
C ASN D 68 -23.44 13.34 -4.82
N PHE D 69 -24.23 13.65 -5.85
CA PHE D 69 -23.78 13.58 -7.22
C PHE D 69 -24.05 14.93 -7.88
N PRO D 70 -23.12 15.88 -7.70
CA PRO D 70 -23.24 17.23 -8.27
C PRO D 70 -23.38 17.18 -9.78
N GLU D 71 -22.73 16.19 -10.40
CA GLU D 71 -22.80 16.02 -11.84
C GLU D 71 -24.24 16.13 -12.35
N ASN D 72 -25.17 15.40 -11.73
CA ASN D 72 -26.58 15.48 -12.15
C ASN D 72 -27.54 15.98 -11.06
N GLY D 73 -27.04 16.81 -10.15
CA GLY D 73 -27.84 17.37 -9.09
C GLY D 73 -28.78 16.45 -8.34
N THR D 74 -28.20 15.44 -7.71
CA THR D 74 -28.95 14.46 -6.94
C THR D 74 -28.09 13.97 -5.77
N PHE D 75 -28.75 13.50 -4.72
CA PHE D 75 -28.05 12.88 -3.60
C PHE D 75 -28.93 11.74 -3.12
N VAL D 76 -28.31 10.66 -2.69
CA VAL D 76 -29.03 9.45 -2.25
C VAL D 76 -28.77 9.10 -0.80
N VAL D 77 -29.84 8.80 -0.09
CA VAL D 77 -29.78 8.40 1.29
C VAL D 77 -30.12 6.92 1.32
N ASN D 78 -29.18 6.09 1.78
CA ASN D 78 -29.44 4.65 1.88
C ASN D 78 -29.62 4.34 3.35
N ILE D 79 -30.70 3.65 3.67
CA ILE D 79 -30.98 3.28 5.05
C ILE D 79 -31.23 1.78 5.13
N ALA D 80 -30.53 1.12 6.05
CA ALA D 80 -30.66 -0.32 6.22
C ALA D 80 -31.33 -0.74 7.53
N GLN D 81 -31.67 -2.03 7.60
CA GLN D 81 -32.31 -2.62 8.78
C GLN D 81 -33.51 -1.79 9.29
N LEU D 82 -34.48 -1.56 8.40
CA LEU D 82 -35.68 -0.79 8.72
C LEU D 82 -36.61 -1.48 9.73
N SER D 83 -37.18 -0.68 10.62
CA SER D 83 -38.10 -1.16 11.64
C SER D 83 -39.25 -0.18 11.70
N GLN D 84 -40.37 -0.60 12.27
CA GLN D 84 -41.52 0.29 12.38
C GLN D 84 -41.11 1.63 12.95
N ASP D 85 -40.09 1.63 13.82
CA ASP D 85 -39.60 2.86 14.42
C ASP D 85 -39.29 3.94 13.39
N ASP D 86 -38.64 3.55 12.31
CA ASP D 86 -38.27 4.46 11.23
C ASP D 86 -39.47 5.10 10.54
N SER D 87 -40.66 4.56 10.75
CA SER D 87 -41.87 5.12 10.16
C SER D 87 -41.99 6.58 10.65
N GLY D 88 -42.20 7.51 9.73
CA GLY D 88 -42.31 8.89 10.14
C GLY D 88 -42.17 9.88 9.01
N ARG D 89 -42.04 11.15 9.36
CA ARG D 89 -41.88 12.21 8.38
C ARG D 89 -40.45 12.73 8.40
N TYR D 90 -39.89 12.89 7.21
CA TYR D 90 -38.52 13.39 7.09
C TYR D 90 -38.44 14.46 6.02
N LYS D 91 -37.25 14.99 5.83
CA LYS D 91 -37.00 16.01 4.83
C LYS D 91 -35.58 15.87 4.31
N CYS D 92 -35.42 16.10 3.02
CA CYS D 92 -34.10 16.08 2.42
C CYS D 92 -33.98 17.50 1.91
N GLY D 93 -32.81 18.11 2.09
CA GLY D 93 -32.66 19.48 1.65
C GLY D 93 -31.21 19.92 1.49
N LEU D 94 -31.05 21.19 1.15
CA LEU D 94 -29.74 21.79 0.96
C LEU D 94 -29.52 22.96 1.93
N GLY D 95 -28.25 23.19 2.22
CA GLY D 95 -27.84 24.27 3.09
C GLY D 95 -28.20 24.13 4.55
N ILE D 96 -28.31 25.28 5.21
CA ILE D 96 -28.65 25.34 6.62
C ILE D 96 -29.92 24.53 6.86
N ASN D 97 -29.88 23.70 7.89
CA ASN D 97 -30.99 22.84 8.24
C ASN D 97 -32.35 23.51 8.06
N SER D 98 -32.41 24.82 8.31
CA SER D 98 -33.67 25.56 8.18
C SER D 98 -33.70 26.63 7.09
N ARG D 99 -32.89 26.44 6.05
CA ARG D 99 -32.85 27.38 4.92
C ARG D 99 -34.16 27.20 4.13
N GLY D 100 -34.91 26.18 4.53
CA GLY D 100 -36.18 25.88 3.89
C GLY D 100 -36.09 25.19 2.54
N LEU D 101 -34.89 25.08 1.99
CA LEU D 101 -34.70 24.43 0.69
C LEU D 101 -34.79 22.91 0.80
N SER D 102 -35.88 22.42 1.39
CA SER D 102 -36.06 20.98 1.56
C SER D 102 -37.21 20.39 0.75
N PHE D 103 -37.64 19.18 1.16
CA PHE D 103 -38.74 18.46 0.54
C PHE D 103 -39.18 17.42 1.54
N ASP D 104 -40.49 17.33 1.79
CA ASP D 104 -41.00 16.36 2.75
C ASP D 104 -41.09 14.97 2.17
N VAL D 105 -40.65 13.99 2.96
CA VAL D 105 -40.72 12.59 2.58
C VAL D 105 -41.35 11.82 3.73
N SER D 106 -42.41 11.07 3.42
CA SER D 106 -43.09 10.26 4.42
C SER D 106 -42.63 8.83 4.26
N LEU D 107 -42.08 8.27 5.32
CA LEU D 107 -41.58 6.92 5.31
C LEU D 107 -42.47 5.99 6.13
N GLU D 108 -42.97 4.94 5.49
CA GLU D 108 -43.83 3.95 6.12
C GLU D 108 -43.16 2.57 6.06
N VAL D 109 -42.76 2.05 7.22
CA VAL D 109 -42.11 0.74 7.28
C VAL D 109 -43.08 -0.31 7.82
N LEU D 110 -43.63 -1.14 6.93
CA LEU D 110 -44.59 -2.18 7.30
C LEU D 110 -44.06 -3.30 8.18
N GLU D 111 -44.94 -3.81 9.03
CA GLU D 111 -44.62 -4.86 9.98
C GLU D 111 -44.44 -6.22 9.32
N HIS D 112 -43.58 -7.04 9.93
CA HIS D 112 -43.27 -8.39 9.46
C HIS D 112 -44.54 -9.24 9.36
N SER E 2 19.75 -3.57 -9.39
CA SER E 2 20.08 -4.76 -8.54
C SER E 2 20.18 -4.44 -7.06
N PRO E 3 19.50 -5.25 -6.22
CA PRO E 3 19.47 -5.09 -4.75
C PRO E 3 20.61 -5.85 -4.04
N ILE E 4 21.63 -6.26 -4.79
CA ILE E 4 22.74 -6.98 -4.18
C ILE E 4 23.90 -6.03 -3.97
N PHE E 5 24.51 -6.11 -2.79
CA PHE E 5 25.62 -5.25 -2.44
C PHE E 5 26.79 -6.05 -1.84
N GLY E 6 27.95 -5.43 -1.79
CA GLY E 6 29.12 -6.10 -1.28
C GLY E 6 30.36 -5.25 -1.46
N PRO E 7 31.56 -5.85 -1.47
CA PRO E 7 32.81 -5.11 -1.64
C PRO E 7 33.13 -4.86 -3.11
N GLU E 8 33.06 -3.59 -3.51
CA GLU E 8 33.32 -3.22 -4.89
C GLU E 8 34.72 -3.69 -5.31
N GLU E 9 35.66 -3.60 -4.38
CA GLU E 9 37.02 -4.03 -4.66
C GLU E 9 37.63 -4.67 -3.43
N VAL E 10 38.39 -5.74 -3.65
CA VAL E 10 39.06 -6.45 -2.58
C VAL E 10 40.49 -6.71 -2.99
N ASN E 11 41.41 -6.37 -2.12
CA ASN E 11 42.81 -6.60 -2.41
C ASN E 11 43.42 -7.49 -1.35
N SER E 12 44.32 -8.36 -1.77
CA SER E 12 44.98 -9.30 -0.87
C SER E 12 46.38 -9.58 -1.40
N VAL E 13 47.12 -10.48 -0.76
CA VAL E 13 48.46 -10.86 -1.20
C VAL E 13 48.50 -12.37 -1.52
N GLU E 14 49.47 -12.80 -2.32
CA GLU E 14 49.60 -14.22 -2.66
C GLU E 14 49.64 -15.08 -1.41
N GLY E 15 48.78 -16.10 -1.36
CA GLY E 15 48.74 -16.97 -0.20
C GLY E 15 47.71 -16.60 0.86
N ASN E 16 47.30 -15.34 0.91
CA ASN E 16 46.32 -14.95 1.92
C ASN E 16 44.92 -15.48 1.59
N SER E 17 44.00 -15.17 2.50
CA SER E 17 42.59 -15.53 2.35
C SER E 17 41.79 -14.24 2.33
N VAL E 18 40.66 -14.28 1.63
CA VAL E 18 39.75 -13.15 1.56
C VAL E 18 38.39 -13.70 1.94
N SER E 19 37.58 -12.86 2.57
CA SER E 19 36.24 -13.27 2.95
C SER E 19 35.35 -12.23 2.30
N ILE E 20 34.63 -12.65 1.27
CA ILE E 20 33.76 -11.77 0.52
C ILE E 20 32.34 -11.88 1.03
N THR E 21 31.81 -10.80 1.60
CA THR E 21 30.44 -10.79 2.13
C THR E 21 29.50 -9.99 1.24
N CYS E 22 28.44 -10.65 0.77
CA CYS E 22 27.45 -9.99 -0.08
C CYS E 22 26.10 -9.96 0.62
N TYR E 23 25.41 -8.82 0.50
CA TYR E 23 24.13 -8.58 1.14
C TYR E 23 22.99 -8.61 0.16
N TYR E 24 21.85 -9.12 0.62
CA TYR E 24 20.67 -9.22 -0.20
C TYR E 24 19.43 -9.00 0.66
N PRO E 25 18.30 -8.64 0.03
CA PRO E 25 17.05 -8.42 0.76
C PRO E 25 16.63 -9.70 1.47
N PRO E 26 16.52 -9.65 2.81
CA PRO E 26 16.14 -10.76 3.70
C PRO E 26 14.72 -11.33 3.51
N THR E 27 14.40 -11.75 2.29
CA THR E 27 13.09 -12.31 1.99
C THR E 27 13.11 -13.82 2.08
N SER E 28 11.93 -14.41 2.23
CA SER E 28 11.81 -15.86 2.31
C SER E 28 12.33 -16.51 1.02
N VAL E 29 12.07 -15.86 -0.11
CA VAL E 29 12.53 -16.37 -1.39
C VAL E 29 14.07 -16.36 -1.41
N ASN E 30 14.68 -15.19 -1.22
CA ASN E 30 16.14 -15.10 -1.23
C ASN E 30 16.78 -16.02 -0.18
N ARG E 31 16.05 -16.23 0.91
CA ARG E 31 16.53 -17.09 2.00
C ARG E 31 16.97 -18.47 1.53
N HIS E 32 16.18 -19.07 0.65
CA HIS E 32 16.47 -20.41 0.14
C HIS E 32 17.05 -20.42 -1.27
N THR E 33 16.81 -19.35 -2.03
CA THR E 33 17.31 -19.27 -3.39
C THR E 33 18.82 -19.56 -3.46
N ARG E 34 19.28 -19.94 -4.64
CA ARG E 34 20.68 -20.25 -4.79
C ARG E 34 21.51 -18.97 -4.82
N LYS E 35 22.69 -19.07 -4.25
CA LYS E 35 23.64 -17.97 -4.15
C LYS E 35 24.84 -18.41 -4.97
N TYR E 36 25.46 -17.49 -5.68
CA TYR E 36 26.62 -17.86 -6.48
C TYR E 36 27.74 -16.84 -6.49
N TRP E 37 28.93 -17.33 -6.86
CA TRP E 37 30.14 -16.54 -6.98
C TRP E 37 30.75 -16.98 -8.31
N CYS E 38 30.84 -16.06 -9.25
CA CYS E 38 31.40 -16.42 -10.55
C CYS E 38 32.42 -15.40 -11.03
N ARG E 39 33.23 -15.82 -12.00
CA ARG E 39 34.25 -14.97 -12.57
C ARG E 39 33.80 -14.48 -13.94
N GLN E 40 33.87 -13.17 -14.16
CA GLN E 40 33.48 -12.55 -15.43
C GLN E 40 34.55 -12.80 -16.48
N GLY E 41 34.15 -13.42 -17.60
CA GLY E 41 35.11 -13.69 -18.67
C GLY E 41 35.44 -12.41 -19.46
N ALA E 42 36.67 -12.32 -19.95
CA ALA E 42 37.12 -11.14 -20.71
C ALA E 42 36.23 -10.90 -21.92
N ARG E 43 35.51 -11.94 -22.31
CA ARG E 43 34.60 -11.88 -23.44
C ARG E 43 33.29 -12.55 -22.99
N GLY E 44 33.43 -13.80 -22.53
CA GLY E 44 32.27 -14.57 -22.09
C GLY E 44 31.40 -13.92 -21.04
N GLY E 45 30.51 -14.71 -20.44
CA GLY E 45 29.61 -14.24 -19.41
C GLY E 45 30.24 -14.42 -18.04
N CYS E 46 29.55 -15.10 -17.15
CA CYS E 46 30.10 -15.32 -15.81
C CYS E 46 30.17 -16.79 -15.50
N ILE E 47 31.37 -17.32 -15.21
CA ILE E 47 31.48 -18.74 -14.92
C ILE E 47 31.44 -19.05 -13.42
N THR E 48 30.46 -19.86 -13.02
CA THR E 48 30.29 -20.22 -11.63
C THR E 48 31.52 -20.91 -11.05
N LEU E 49 31.98 -20.42 -9.90
CA LEU E 49 33.13 -21.04 -9.24
C LEU E 49 32.65 -21.81 -8.01
N ILE E 50 31.57 -21.33 -7.40
CA ILE E 50 30.98 -21.99 -6.24
C ILE E 50 29.56 -21.46 -6.02
N SER E 51 28.63 -22.37 -5.66
CA SER E 51 27.23 -21.99 -5.43
C SER E 51 26.78 -22.60 -4.10
N SER E 52 25.72 -22.05 -3.52
CA SER E 52 25.20 -22.55 -2.25
C SER E 52 24.65 -23.97 -2.35
N GLU E 53 24.14 -24.33 -3.52
CA GLU E 53 23.54 -25.65 -3.70
C GLU E 53 24.54 -26.78 -3.83
N GLY E 54 25.83 -26.47 -3.90
CA GLY E 54 26.79 -27.55 -3.98
C GLY E 54 27.93 -27.53 -4.97
N TYR E 55 27.81 -26.80 -6.07
CA TYR E 55 28.90 -26.80 -7.05
C TYR E 55 30.15 -26.13 -6.52
N VAL E 56 31.30 -26.69 -6.86
CA VAL E 56 32.60 -26.15 -6.45
C VAL E 56 33.62 -26.49 -7.53
N SER E 57 34.04 -25.47 -8.27
CA SER E 57 35.01 -25.65 -9.32
C SER E 57 36.23 -26.41 -8.80
N SER E 58 36.86 -27.15 -9.71
CA SER E 58 38.04 -27.94 -9.40
C SER E 58 39.22 -27.07 -8.97
N LYS E 59 39.26 -25.82 -9.43
CA LYS E 59 40.34 -24.91 -9.06
C LYS E 59 40.00 -24.17 -7.77
N TYR E 60 38.93 -24.60 -7.10
CA TYR E 60 38.48 -24.01 -5.84
C TYR E 60 38.27 -25.10 -4.82
N ALA E 61 38.05 -26.31 -5.33
CA ALA E 61 37.81 -27.46 -4.47
C ALA E 61 38.84 -27.56 -3.38
N GLY E 62 38.37 -27.58 -2.14
CA GLY E 62 39.30 -27.70 -1.03
C GLY E 62 39.91 -26.42 -0.52
N ARG E 63 39.75 -25.31 -1.23
CA ARG E 63 40.30 -24.02 -0.76
C ARG E 63 39.27 -22.90 -0.64
N ALA E 64 38.00 -23.21 -0.84
CA ALA E 64 36.93 -22.22 -0.75
C ALA E 64 35.64 -22.77 -0.15
N ASN E 65 34.78 -21.85 0.31
CA ASN E 65 33.49 -22.26 0.85
C ASN E 65 32.52 -21.10 0.70
N LEU E 66 31.24 -21.40 0.84
CA LEU E 66 30.20 -20.40 0.73
C LEU E 66 29.20 -20.71 1.84
N THR E 67 29.01 -19.74 2.73
CA THR E 67 28.09 -19.90 3.84
C THR E 67 26.96 -18.90 3.68
N ASN E 68 25.73 -19.30 4.00
CA ASN E 68 24.58 -18.40 3.90
C ASN E 68 24.16 -17.97 5.29
N PHE E 69 23.86 -16.69 5.44
CA PHE E 69 23.41 -16.14 6.72
C PHE E 69 22.08 -15.40 6.55
N PRO E 70 20.97 -16.16 6.42
CA PRO E 70 19.60 -15.67 6.25
C PRO E 70 19.14 -14.69 7.31
N GLU E 71 19.65 -14.85 8.53
CA GLU E 71 19.30 -13.95 9.63
C GLU E 71 19.77 -12.54 9.25
N ASN E 72 21.00 -12.47 8.70
CA ASN E 72 21.65 -11.22 8.27
C ASN E 72 21.33 -10.78 6.85
N GLY E 73 20.79 -11.69 6.04
CA GLY E 73 20.51 -11.36 4.67
C GLY E 73 21.87 -11.26 3.97
N THR E 74 22.74 -12.24 4.20
CA THR E 74 24.08 -12.26 3.62
C THR E 74 24.63 -13.67 3.39
N PHE E 75 25.67 -13.74 2.59
CA PHE E 75 26.36 -15.00 2.37
C PHE E 75 27.82 -14.64 2.20
N VAL E 76 28.69 -15.54 2.65
CA VAL E 76 30.14 -15.31 2.62
C VAL E 76 30.89 -16.33 1.78
N VAL E 77 31.80 -15.82 0.96
CA VAL E 77 32.63 -16.67 0.13
C VAL E 77 34.04 -16.56 0.70
N ASN E 78 34.58 -17.69 1.16
CA ASN E 78 35.92 -17.70 1.71
C ASN E 78 36.82 -18.37 0.68
N ILE E 79 37.92 -17.72 0.35
CA ILE E 79 38.86 -18.24 -0.63
C ILE E 79 40.24 -18.23 0.02
N ALA E 80 40.86 -19.39 0.15
CA ALA E 80 42.19 -19.43 0.76
C ALA E 80 43.22 -19.67 -0.34
N GLN E 81 44.49 -19.73 0.06
CA GLN E 81 45.60 -19.99 -0.86
C GLN E 81 45.45 -19.26 -2.19
N LEU E 82 45.19 -17.97 -2.11
CA LEU E 82 44.99 -17.13 -3.29
C LEU E 82 46.28 -17.02 -4.08
N SER E 83 46.14 -17.04 -5.40
CA SER E 83 47.29 -16.93 -6.29
C SER E 83 47.04 -15.73 -7.17
N GLN E 84 48.09 -15.26 -7.83
CA GLN E 84 47.94 -14.13 -8.70
C GLN E 84 46.86 -14.44 -9.73
N ASP E 85 46.73 -15.72 -10.08
CA ASP E 85 45.73 -16.18 -11.05
C ASP E 85 44.33 -15.83 -10.61
N ASP E 86 44.17 -15.47 -9.33
CA ASP E 86 42.86 -15.13 -8.81
C ASP E 86 42.48 -13.66 -9.04
N SER E 87 43.45 -12.83 -9.41
CA SER E 87 43.16 -11.42 -9.69
C SER E 87 42.17 -11.38 -10.85
N GLY E 88 41.11 -10.60 -10.70
CA GLY E 88 40.13 -10.52 -11.77
C GLY E 88 38.81 -9.92 -11.33
N ARG E 89 37.81 -10.05 -12.21
CA ARG E 89 36.49 -9.53 -11.93
C ARG E 89 35.54 -10.67 -11.67
N TYR E 90 34.75 -10.53 -10.61
CA TYR E 90 33.79 -11.56 -10.23
C TYR E 90 32.45 -10.93 -9.92
N LYS E 91 31.48 -11.78 -9.59
CA LYS E 91 30.15 -11.32 -9.23
C LYS E 91 29.54 -12.28 -8.23
N CYS E 92 28.82 -11.72 -7.27
CA CYS E 92 28.12 -12.53 -6.30
C CYS E 92 26.67 -12.19 -6.59
N GLY E 93 25.80 -13.20 -6.57
CA GLY E 93 24.40 -12.93 -6.85
C GLY E 93 23.46 -14.02 -6.40
N LEU E 94 22.18 -13.83 -6.70
CA LEU E 94 21.14 -14.81 -6.35
C LEU E 94 20.45 -15.29 -7.62
N GLY E 95 19.87 -16.48 -7.56
CA GLY E 95 19.18 -17.01 -8.71
C GLY E 95 20.07 -17.54 -9.83
N ILE E 96 19.74 -17.16 -11.07
CA ILE E 96 20.50 -17.58 -12.25
C ILE E 96 21.58 -16.58 -12.60
N ASN E 97 22.83 -17.04 -12.63
CA ASN E 97 23.96 -16.19 -12.94
C ASN E 97 23.58 -15.03 -13.87
N SER E 98 23.01 -15.36 -15.03
CA SER E 98 22.61 -14.35 -16.02
C SER E 98 21.48 -13.42 -15.60
N ARG E 99 20.57 -13.90 -14.75
CA ARG E 99 19.43 -13.12 -14.29
C ARG E 99 19.78 -11.71 -13.79
N GLY E 100 21.07 -11.39 -13.73
CA GLY E 100 21.49 -10.07 -13.31
C GLY E 100 21.32 -9.63 -11.86
N LEU E 101 20.89 -10.55 -11.00
CA LEU E 101 20.71 -10.24 -9.57
C LEU E 101 22.06 -10.43 -8.90
N SER E 102 23.01 -9.58 -9.26
CA SER E 102 24.36 -9.68 -8.73
C SER E 102 25.02 -8.36 -8.35
N PHE E 103 26.31 -8.45 -8.05
CA PHE E 103 27.12 -7.28 -7.66
C PHE E 103 28.56 -7.55 -8.11
N ASP E 104 29.16 -6.60 -8.83
CA ASP E 104 30.53 -6.78 -9.32
C ASP E 104 31.61 -6.59 -8.26
N VAL E 105 32.48 -7.58 -8.16
CA VAL E 105 33.56 -7.48 -7.21
C VAL E 105 34.87 -7.63 -7.96
N SER E 106 35.78 -6.69 -7.75
CA SER E 106 37.09 -6.73 -8.38
C SER E 106 38.08 -7.21 -7.34
N LEU E 107 38.75 -8.32 -7.66
CA LEU E 107 39.73 -8.91 -6.74
C LEU E 107 41.16 -8.78 -7.26
N GLU E 108 42.06 -8.34 -6.39
CA GLU E 108 43.46 -8.17 -6.78
C GLU E 108 44.42 -8.84 -5.80
N VAL E 109 45.20 -9.79 -6.29
CA VAL E 109 46.17 -10.52 -5.47
C VAL E 109 47.57 -10.17 -5.95
N LEU E 110 48.39 -9.66 -5.04
CA LEU E 110 49.77 -9.25 -5.33
C LEU E 110 50.81 -10.35 -5.16
N GLU E 111 51.80 -10.36 -6.04
CA GLU E 111 52.88 -11.35 -5.95
C GLU E 111 53.61 -11.12 -4.63
N HIS E 112 54.01 -12.21 -3.98
CA HIS E 112 54.70 -12.12 -2.71
C HIS E 112 56.13 -11.59 -2.90
N SER F 2 38.53 7.10 -1.26
CA SER F 2 38.48 6.21 -0.05
C SER F 2 38.75 4.75 -0.37
N PRO F 3 39.59 4.09 0.45
CA PRO F 3 39.95 2.68 0.28
C PRO F 3 39.07 1.76 1.14
N ILE F 4 37.99 2.30 1.71
CA ILE F 4 37.10 1.49 2.52
C ILE F 4 35.88 1.15 1.69
N PHE F 5 35.43 -0.09 1.80
CA PHE F 5 34.27 -0.56 1.07
C PHE F 5 33.35 -1.35 1.98
N GLY F 6 32.10 -1.48 1.58
CA GLY F 6 31.13 -2.18 2.40
C GLY F 6 29.78 -2.16 1.74
N PRO F 7 28.70 -2.38 2.50
CA PRO F 7 27.31 -2.39 1.99
C PRO F 7 26.76 -0.96 1.86
N GLU F 8 26.58 -0.49 0.63
CA GLU F 8 26.06 0.84 0.38
C GLU F 8 24.72 1.02 1.08
N GLU F 9 23.92 -0.02 1.08
CA GLU F 9 22.63 0.06 1.75
C GLU F 9 22.29 -1.28 2.40
N VAL F 10 21.70 -1.21 3.58
CA VAL F 10 21.30 -2.41 4.33
C VAL F 10 19.88 -2.21 4.82
N ASN F 11 19.03 -3.20 4.56
CA ASN F 11 17.64 -3.15 4.99
C ASN F 11 17.37 -4.29 5.96
N SER F 12 16.56 -4.01 6.98
CA SER F 12 16.23 -5.01 7.97
C SER F 12 14.83 -4.73 8.52
N VAL F 13 14.45 -5.48 9.55
CA VAL F 13 13.14 -5.31 10.19
C VAL F 13 13.33 -5.06 11.68
N GLU F 14 12.47 -4.23 12.25
CA GLU F 14 12.53 -3.87 13.65
C GLU F 14 12.51 -5.13 14.50
N GLY F 15 13.55 -5.29 15.33
CA GLY F 15 13.65 -6.45 16.18
C GLY F 15 14.72 -7.43 15.74
N ASN F 16 15.19 -7.29 14.50
CA ASN F 16 16.21 -8.19 13.98
C ASN F 16 17.61 -7.60 14.17
N SER F 17 18.61 -8.35 13.72
CA SER F 17 19.98 -7.89 13.83
C SER F 17 20.59 -7.83 12.44
N VAL F 18 21.56 -6.94 12.28
CA VAL F 18 22.24 -6.79 11.02
C VAL F 18 23.71 -6.97 11.26
N SER F 19 24.42 -7.45 10.25
CA SER F 19 25.85 -7.64 10.35
C SER F 19 26.42 -6.79 9.22
N ILE F 20 27.15 -5.73 9.58
CA ILE F 20 27.74 -4.85 8.57
C ILE F 20 29.23 -5.14 8.46
N THR F 21 29.66 -5.58 7.28
CA THR F 21 31.07 -5.91 7.03
C THR F 21 31.75 -4.87 6.14
N CYS F 22 32.81 -4.25 6.66
CA CYS F 22 33.57 -3.26 5.90
C CYS F 22 34.99 -3.74 5.62
N TYR F 23 35.44 -3.51 4.40
CA TYR F 23 36.75 -3.93 3.92
C TYR F 23 37.75 -2.79 3.85
N TYR F 24 39.00 -3.09 4.16
CA TYR F 24 40.07 -2.10 4.13
C TYR F 24 41.34 -2.78 3.66
N PRO F 25 42.30 -2.00 3.10
CA PRO F 25 43.57 -2.55 2.61
C PRO F 25 44.37 -3.27 3.69
N PRO F 26 44.71 -4.55 3.46
CA PRO F 26 45.48 -5.39 4.39
C PRO F 26 46.89 -4.88 4.75
N THR F 27 46.96 -3.75 5.46
CA THR F 27 48.26 -3.19 5.86
C THR F 27 48.41 -3.31 7.36
N SER F 28 49.64 -3.21 7.85
CA SER F 28 49.85 -3.28 9.28
C SER F 28 49.26 -2.02 9.87
N VAL F 29 49.42 -0.92 9.14
CA VAL F 29 48.87 0.35 9.58
C VAL F 29 47.38 0.19 9.88
N ASN F 30 46.65 -0.38 8.92
CA ASN F 30 45.23 -0.56 9.09
C ASN F 30 44.90 -1.64 10.09
N ARG F 31 45.72 -2.68 10.12
CA ARG F 31 45.49 -3.78 11.03
C ARG F 31 45.50 -3.26 12.47
N HIS F 32 46.16 -2.11 12.67
CA HIS F 32 46.27 -1.53 14.01
C HIS F 32 45.33 -0.36 14.29
N THR F 33 45.08 0.46 13.27
CA THR F 33 44.23 1.64 13.43
C THR F 33 42.84 1.40 13.99
N ARG F 34 42.36 2.41 14.70
CA ARG F 34 41.04 2.40 15.29
C ARG F 34 40.03 2.21 14.16
N LYS F 35 39.06 1.32 14.38
CA LYS F 35 38.00 1.07 13.41
C LYS F 35 36.77 1.66 14.07
N TYR F 36 35.90 2.31 13.29
CA TYR F 36 34.72 2.91 13.88
C TYR F 36 33.45 2.79 13.05
N TRP F 37 32.33 2.97 13.73
CA TRP F 37 30.99 2.95 13.14
C TRP F 37 30.29 4.16 13.75
N CYS F 38 29.93 5.12 12.91
CA CYS F 38 29.27 6.31 13.40
C CYS F 38 28.03 6.67 12.59
N ARG F 39 27.19 7.49 13.19
CA ARG F 39 25.95 7.92 12.56
C ARG F 39 26.04 9.37 12.11
N GLN F 40 25.60 9.63 10.89
CA GLN F 40 25.60 10.98 10.33
C GLN F 40 24.40 11.74 10.86
N GLY F 41 24.65 12.86 11.54
CA GLY F 41 23.55 13.66 12.05
C GLY F 41 22.99 14.49 10.92
N ALA F 42 21.73 14.91 11.02
CA ALA F 42 21.13 15.73 9.97
C ALA F 42 21.90 17.04 9.86
N ARG F 43 22.56 17.40 10.96
CA ARG F 43 23.36 18.62 11.05
C ARG F 43 24.61 18.55 10.19
N GLY F 44 25.27 17.39 10.19
CA GLY F 44 26.46 17.23 9.38
C GLY F 44 27.66 16.59 10.04
N GLY F 45 27.49 15.95 11.18
CA GLY F 45 28.63 15.32 11.81
C GLY F 45 28.44 13.82 11.93
N CYS F 46 29.51 13.09 12.25
CA CYS F 46 29.40 11.65 12.41
C CYS F 46 29.74 11.31 13.85
N ILE F 47 28.72 10.88 14.60
CA ILE F 47 28.85 10.52 16.00
C ILE F 47 29.21 9.05 16.18
N THR F 48 30.36 8.78 16.80
CA THR F 48 30.79 7.41 17.01
C THR F 48 29.79 6.64 17.88
N LEU F 49 29.42 5.45 17.41
CA LEU F 49 28.49 4.59 18.13
C LEU F 49 29.25 3.46 18.79
N ILE F 50 30.31 3.00 18.12
CA ILE F 50 31.15 1.93 18.63
C ILE F 50 32.49 1.92 17.87
N SER F 51 33.57 1.69 18.60
CA SER F 51 34.90 1.66 17.99
C SER F 51 35.69 0.45 18.50
N SER F 52 36.79 0.14 17.82
CA SER F 52 37.61 -0.97 18.22
C SER F 52 38.43 -0.59 19.46
N GLU F 53 38.39 0.70 19.82
CA GLU F 53 39.13 1.20 20.98
C GLU F 53 38.48 0.72 22.26
N GLY F 54 37.20 0.37 22.18
CA GLY F 54 36.49 -0.11 23.36
C GLY F 54 35.28 0.74 23.67
N TYR F 55 35.26 1.94 23.11
CA TYR F 55 34.14 2.84 23.33
C TYR F 55 32.86 2.24 22.74
N VAL F 56 31.75 2.42 23.45
CA VAL F 56 30.47 1.91 22.97
C VAL F 56 29.36 2.86 23.39
N SER F 57 28.62 3.36 22.42
CA SER F 57 27.52 4.26 22.67
C SER F 57 26.61 3.66 23.72
N SER F 58 25.92 4.53 24.47
CA SER F 58 25.01 4.11 25.52
C SER F 58 23.81 3.36 24.93
N LYS F 59 23.41 3.76 23.72
CA LYS F 59 22.29 3.14 23.04
C LYS F 59 22.68 1.78 22.40
N TYR F 60 23.99 1.54 22.26
CA TYR F 60 24.48 0.31 21.66
C TYR F 60 24.95 -0.69 22.68
N ALA F 61 24.95 -0.31 23.96
CA ALA F 61 25.40 -1.19 25.02
C ALA F 61 24.64 -2.50 25.10
N GLY F 62 25.38 -3.60 25.15
CA GLY F 62 24.77 -4.92 25.24
C GLY F 62 23.78 -5.27 24.14
N ARG F 63 24.13 -4.97 22.89
CA ARG F 63 23.29 -5.29 21.74
C ARG F 63 24.03 -4.89 20.49
N ALA F 64 25.36 -4.92 20.57
CA ALA F 64 26.23 -4.56 19.46
C ALA F 64 27.68 -4.80 19.86
N ASN F 65 28.48 -5.21 18.88
CA ASN F 65 29.88 -5.47 19.11
C ASN F 65 30.61 -5.24 17.80
N LEU F 66 31.87 -4.83 17.89
CA LEU F 66 32.67 -4.61 16.69
C LEU F 66 33.80 -5.63 16.81
N THR F 67 34.20 -6.20 15.68
CA THR F 67 35.22 -7.22 15.67
C THR F 67 36.15 -7.10 14.45
N ASN F 68 37.45 -7.01 14.69
CA ASN F 68 38.44 -6.87 13.61
C ASN F 68 38.96 -8.24 13.15
N PHE F 69 39.03 -8.42 11.83
CA PHE F 69 39.54 -9.64 11.22
C PHE F 69 40.70 -9.27 10.31
N PRO F 70 41.88 -8.98 10.90
CA PRO F 70 43.09 -8.59 10.15
C PRO F 70 43.46 -9.54 9.01
N GLU F 71 42.99 -10.79 9.07
CA GLU F 71 43.28 -11.77 8.04
C GLU F 71 42.55 -11.43 6.73
N ASN F 72 41.27 -11.06 6.86
CA ASN F 72 40.41 -10.69 5.76
C ASN F 72 40.62 -9.26 5.31
N GLY F 73 41.04 -8.42 6.25
CA GLY F 73 41.20 -7.00 5.97
C GLY F 73 39.79 -6.47 6.12
N THR F 74 39.13 -6.88 7.21
CA THR F 74 37.75 -6.49 7.47
C THR F 74 37.41 -6.41 8.94
N PHE F 75 36.29 -5.75 9.22
CA PHE F 75 35.76 -5.68 10.57
C PHE F 75 34.25 -5.71 10.44
N VAL F 76 33.60 -6.32 11.44
CA VAL F 76 32.15 -6.48 11.43
C VAL F 76 31.45 -5.83 12.59
N VAL F 77 30.38 -5.11 12.30
CA VAL F 77 29.58 -4.46 13.32
C VAL F 77 28.26 -5.22 13.38
N ASN F 78 27.96 -5.80 14.52
CA ASN F 78 26.72 -6.52 14.68
C ASN F 78 25.82 -5.66 15.55
N ILE F 79 24.60 -5.47 15.08
CA ILE F 79 23.64 -4.66 15.81
C ILE F 79 22.38 -5.47 15.98
N ALA F 80 21.99 -5.70 17.24
CA ALA F 80 20.80 -6.49 17.51
C ALA F 80 19.71 -5.58 18.05
N GLN F 81 18.49 -6.10 18.19
CA GLN F 81 17.39 -5.31 18.72
C GLN F 81 17.16 -4.02 17.91
N LEU F 82 17.16 -4.15 16.60
CA LEU F 82 16.96 -3.00 15.75
C LEU F 82 15.59 -2.37 15.93
N SER F 83 15.56 -1.05 15.98
CA SER F 83 14.31 -0.31 16.12
C SER F 83 14.19 0.60 14.91
N GLN F 84 13.02 1.20 14.72
CA GLN F 84 12.80 2.10 13.60
C GLN F 84 13.82 3.23 13.64
N ASP F 85 14.13 3.67 14.86
CA ASP F 85 15.07 4.75 15.12
C ASP F 85 16.45 4.52 14.56
N ASP F 86 16.79 3.26 14.34
CA ASP F 86 18.07 2.90 13.78
C ASP F 86 18.19 3.27 12.30
N SER F 87 17.05 3.51 11.64
CA SER F 87 17.08 3.87 10.24
C SER F 87 17.87 5.17 10.11
N GLY F 88 18.81 5.21 9.17
CA GLY F 88 19.59 6.41 8.99
C GLY F 88 20.86 6.19 8.18
N ARG F 89 21.73 7.19 8.20
CA ARG F 89 22.98 7.12 7.47
C ARG F 89 24.15 6.98 8.45
N TYR F 90 25.05 6.06 8.14
CA TYR F 90 26.20 5.80 8.98
C TYR F 90 27.45 5.72 8.13
N LYS F 91 28.57 5.49 8.79
CA LYS F 91 29.85 5.36 8.14
C LYS F 91 30.72 4.40 8.94
N CYS F 92 31.49 3.59 8.22
CA CYS F 92 32.44 2.69 8.86
C CYS F 92 33.75 3.23 8.33
N GLY F 93 34.77 3.30 9.18
CA GLY F 93 36.04 3.82 8.72
C GLY F 93 37.20 3.46 9.63
N LEU F 94 38.38 3.96 9.26
CA LEU F 94 39.61 3.72 10.00
C LEU F 94 40.21 5.05 10.45
N GLY F 95 41.01 5.00 11.51
CA GLY F 95 41.64 6.21 12.03
C GLY F 95 40.68 7.20 12.62
N ILE F 96 41.15 8.43 12.78
CA ILE F 96 40.35 9.53 13.34
C ILE F 96 39.19 9.79 12.40
N ASN F 97 38.01 10.08 12.94
CA ASN F 97 36.84 10.34 12.12
C ASN F 97 37.07 11.50 11.16
N SER F 98 38.26 12.10 11.20
CA SER F 98 38.57 13.23 10.33
C SER F 98 39.77 12.99 9.41
N ARG F 99 39.57 12.17 8.39
CA ARG F 99 40.59 11.84 7.41
C ARG F 99 39.91 11.19 6.22
N GLY F 100 38.58 11.18 6.24
CA GLY F 100 37.78 10.60 5.17
C GLY F 100 37.83 9.11 4.93
N LEU F 101 38.83 8.42 5.48
CA LEU F 101 38.97 6.97 5.29
C LEU F 101 37.74 6.25 5.82
N SER F 102 36.67 6.27 5.03
CA SER F 102 35.44 5.64 5.48
C SER F 102 34.50 5.27 4.33
N PHE F 103 33.42 4.60 4.69
CA PHE F 103 32.41 4.17 3.73
C PHE F 103 31.01 4.48 4.24
N ASP F 104 30.19 5.06 3.37
CA ASP F 104 28.82 5.44 3.71
C ASP F 104 27.87 4.25 3.64
N VAL F 105 27.15 4.04 4.73
CA VAL F 105 26.19 2.94 4.79
C VAL F 105 24.83 3.50 5.15
N SER F 106 23.83 3.17 4.34
CA SER F 106 22.47 3.61 4.58
C SER F 106 21.70 2.44 5.17
N LEU F 107 21.18 2.62 6.38
CA LEU F 107 20.43 1.57 7.04
C LEU F 107 18.94 1.89 7.16
N GLU F 108 18.07 1.02 6.65
CA GLU F 108 16.64 1.27 6.77
C GLU F 108 15.96 0.12 7.51
N VAL F 109 15.41 0.43 8.68
CA VAL F 109 14.75 -0.56 9.55
C VAL F 109 13.25 -0.44 9.43
N LEU F 110 12.60 -1.47 8.90
CA LEU F 110 11.15 -1.46 8.70
C LEU F 110 10.30 -1.48 9.95
N GLU F 111 9.08 -0.95 9.78
CA GLU F 111 8.11 -0.89 10.86
C GLU F 111 7.60 -2.27 11.27
N HIS F 112 7.60 -2.52 12.57
CA HIS F 112 7.16 -3.79 13.11
C HIS F 112 6.80 -3.62 14.59
MG MG G . 5.48 -9.83 14.24
MG MG H . -36.13 15.95 -19.13
#